data_3GB9
#
_entry.id   3GB9
#
_cell.length_a   71.791
_cell.length_b   130.648
_cell.length_c   149.177
_cell.angle_alpha   90.000
_cell.angle_beta   90.000
_cell.angle_gamma   90.000
#
_symmetry.space_group_name_H-M   'P 21 21 21'
#
loop_
_entity.id
_entity.type
_entity.pdbx_description
1 polymer 'Purine nucleoside phosphorylase'
2 non-polymer 2-fluoroadenine
3 non-polymer 'SULFATE ION'
4 non-polymer GLYCEROL
5 water water
#
_entity_poly.entity_id   1
_entity_poly.type   'polypeptide(L)'
_entity_poly.pdbx_seq_one_letter_code
;KETAAAKFERQHMDSGGGGSGHMENGYTYEDYKNTAEWLLSHTKHRPQVAIICGSGLGGLTDKLTQAQIFDYGEIPNFPR
STVPGHAGRLVFGFLNGRACVMMQGRFHMYEGYPLWKVTFPVRVFHLLGVDTLVVTNAAGGLNPKFEVGDIMLIRDHINL
PGFSGQNPLRGPNDERFGDRFPAMSDAYDRTMRQRALSTWKQMGEQRELQEGTYVMVAGPSFQTVAECRVLQKLGADAVG
MSTVPEVIVARHCGLRVFGFSLITDKVIMDYESLEKANHEEVLAAGKQAAQKLEQFVSILMASIPLPDKAS
;
_entity_poly.pdbx_strand_id   A,B,C
#
# COMPACT_ATOMS: atom_id res chain seq x y z
N ASN A 25 -1.95 -16.80 8.68
CA ASN A 25 -1.89 -17.81 7.57
C ASN A 25 -0.86 -18.85 7.95
N GLY A 26 -0.76 -19.92 7.17
CA GLY A 26 0.33 -20.89 7.33
C GLY A 26 0.41 -21.66 8.65
N TYR A 27 0.15 -20.99 9.78
CA TYR A 27 0.19 -21.64 11.11
C TYR A 27 -1.20 -21.91 11.65
N THR A 28 -1.41 -23.12 12.16
CA THR A 28 -2.60 -23.45 12.91
C THR A 28 -2.41 -23.07 14.39
N TYR A 29 -3.51 -23.02 15.13
CA TYR A 29 -3.43 -22.79 16.57
C TYR A 29 -2.52 -23.79 17.28
N GLU A 30 -2.63 -25.06 16.92
CA GLU A 30 -1.80 -26.12 17.49
C GLU A 30 -0.31 -25.87 17.28
N ASP A 31 0.06 -25.29 16.15
CA ASP A 31 1.47 -24.97 15.90
C ASP A 31 1.97 -24.04 16.96
N TYR A 32 1.25 -22.95 17.17
CA TYR A 32 1.63 -21.98 18.18
C TYR A 32 1.71 -22.64 19.54
N LYS A 33 0.69 -23.42 19.87
CA LYS A 33 0.64 -24.13 21.12
C LYS A 33 1.80 -25.13 21.25
N ASN A 34 2.08 -25.92 20.19
CA ASN A 34 3.18 -26.91 20.26
C ASN A 34 4.51 -26.23 20.57
N THR A 35 4.71 -25.05 20.00
CA THR A 35 5.93 -24.27 20.18
C THR A 35 6.01 -23.74 21.61
N ALA A 36 4.93 -23.15 22.10
CA ALA A 36 4.90 -22.64 23.48
C ALA A 36 5.13 -23.76 24.47
N GLU A 37 4.49 -24.90 24.24
CA GLU A 37 4.64 -26.08 25.10
C GLU A 37 6.05 -26.61 25.10
N TRP A 38 6.69 -26.62 23.93
CA TRP A 38 8.05 -27.12 23.81
C TRP A 38 9.00 -26.24 24.59
N LEU A 39 8.90 -24.92 24.39
CA LEU A 39 9.70 -23.96 25.14
C LEU A 39 9.43 -24.10 26.63
N LEU A 40 8.16 -24.28 27.01
CA LEU A 40 7.85 -24.39 28.44
C LEU A 40 8.48 -25.63 29.10
N SER A 41 8.70 -26.70 28.33
CA SER A 41 9.24 -27.92 28.90
C SER A 41 10.77 -28.00 28.77
N HIS A 42 11.38 -27.02 28.10
CA HIS A 42 12.83 -27.01 27.94
C HIS A 42 13.48 -25.84 28.67
N THR A 43 12.66 -25.00 29.30
CA THR A 43 13.15 -24.00 30.26
C THR A 43 12.29 -23.98 31.51
N LYS A 44 12.93 -23.69 32.64
CA LYS A 44 12.24 -23.48 33.91
C LYS A 44 11.74 -22.04 34.03
N HIS A 45 12.21 -21.17 33.15
CA HIS A 45 11.80 -19.76 33.19
C HIS A 45 10.34 -19.62 32.79
N ARG A 46 9.68 -18.62 33.37
CA ARG A 46 8.29 -18.34 33.12
C ARG A 46 8.16 -16.83 32.99
N PRO A 47 8.31 -16.32 31.75
CA PRO A 47 8.41 -14.87 31.55
C PRO A 47 7.08 -14.16 31.65
N GLN A 48 7.09 -12.93 32.14
CA GLN A 48 5.89 -12.10 32.18
C GLN A 48 5.96 -11.05 31.11
N VAL A 49 7.19 -10.57 30.85
CA VAL A 49 7.47 -9.52 29.89
C VAL A 49 8.29 -10.04 28.71
N ALA A 50 7.85 -9.73 27.48
CA ALA A 50 8.64 -9.97 26.27
C ALA A 50 9.23 -8.66 25.77
N ILE A 51 10.49 -8.71 25.34
CA ILE A 51 11.11 -7.55 24.75
C ILE A 51 11.65 -7.90 23.38
N ILE A 52 11.25 -7.12 22.37
CA ILE A 52 11.81 -7.27 21.03
C ILE A 52 12.89 -6.21 20.82
N CYS A 53 14.11 -6.68 20.59
CA CYS A 53 15.27 -5.81 20.39
C CYS A 53 15.41 -5.36 18.93
N GLY A 54 15.49 -4.05 18.73
CA GLY A 54 15.78 -3.51 17.44
C GLY A 54 17.25 -3.61 17.04
N SER A 55 17.50 -3.06 15.86
CA SER A 55 18.80 -3.03 15.25
C SER A 55 19.74 -2.18 16.09
N GLY A 56 20.86 -2.77 16.50
CA GLY A 56 21.82 -2.12 17.40
C GLY A 56 21.51 -2.23 18.90
N LEU A 57 20.36 -2.80 19.25
CA LEU A 57 19.92 -2.88 20.65
C LEU A 57 19.99 -4.30 21.19
N GLY A 58 20.52 -5.22 20.38
CA GLY A 58 20.66 -6.61 20.81
C GLY A 58 21.44 -6.80 22.11
N GLY A 59 22.23 -5.81 22.51
CA GLY A 59 23.01 -5.83 23.76
C GLY A 59 22.18 -5.91 25.04
N LEU A 60 20.89 -5.64 24.91
CA LEU A 60 19.96 -5.86 26.00
C LEU A 60 19.99 -7.32 26.47
N THR A 61 20.26 -8.28 25.59
CA THR A 61 20.30 -9.69 26.04
C THR A 61 21.45 -9.94 27.02
N ASP A 62 22.51 -9.13 26.94
CA ASP A 62 23.61 -9.25 27.90
C ASP A 62 23.21 -8.72 29.26
N LYS A 63 22.08 -8.02 29.38
CA LYS A 63 21.69 -7.49 30.67
C LYS A 63 20.82 -8.47 31.44
N LEU A 64 20.48 -9.59 30.82
CA LEU A 64 19.66 -10.60 31.49
C LEU A 64 20.53 -11.34 32.48
N THR A 65 19.93 -11.79 33.57
CA THR A 65 20.65 -12.64 34.50
C THR A 65 20.00 -14.01 34.50
N GLN A 66 20.79 -14.97 34.92
CA GLN A 66 20.43 -16.39 34.92
C GLN A 66 19.89 -16.80 33.57
N ALA A 67 20.53 -16.29 32.50
CA ALA A 67 19.98 -16.38 31.14
C ALA A 67 20.02 -17.79 30.55
N GLN A 68 18.99 -18.11 29.77
CA GLN A 68 19.00 -19.34 28.98
C GLN A 68 18.67 -19.03 27.53
N ILE A 69 19.57 -19.42 26.62
CA ILE A 69 19.51 -19.06 25.20
C ILE A 69 18.94 -20.20 24.37
N PHE A 70 18.08 -19.83 23.43
CA PHE A 70 17.54 -20.74 22.42
C PHE A 70 17.79 -20.13 21.06
N ASP A 71 18.53 -20.81 20.20
CA ASP A 71 18.67 -20.37 18.82
C ASP A 71 17.37 -20.70 18.09
N TYR A 72 16.89 -19.82 17.23
CA TYR A 72 15.64 -20.07 16.51
C TYR A 72 15.60 -21.47 15.85
N GLY A 73 16.72 -21.94 15.34
CA GLY A 73 16.79 -23.24 14.69
C GLY A 73 16.40 -24.43 15.52
N GLU A 74 16.48 -24.30 16.85
CA GLU A 74 16.15 -25.35 17.80
C GLU A 74 14.67 -25.43 18.10
N ILE A 75 13.96 -24.32 17.87
CA ILE A 75 12.60 -24.14 18.35
C ILE A 75 11.63 -24.57 17.28
N PRO A 76 10.81 -25.62 17.54
CA PRO A 76 9.86 -26.11 16.53
C PRO A 76 8.95 -25.03 15.95
N ASN A 77 8.70 -25.11 14.65
CA ASN A 77 7.87 -24.14 13.89
C ASN A 77 8.40 -22.72 13.74
N PHE A 78 9.53 -22.42 14.37
CA PHE A 78 10.09 -21.06 14.24
C PHE A 78 10.55 -20.82 12.80
N PRO A 79 10.16 -19.70 12.20
CA PRO A 79 10.56 -19.37 10.83
C PRO A 79 12.08 -19.39 10.65
N ARG A 80 12.55 -20.07 9.60
CA ARG A 80 13.98 -20.14 9.34
C ARG A 80 14.51 -18.77 8.95
N SER A 81 15.77 -18.49 9.33
CA SER A 81 16.45 -17.28 8.84
C SER A 81 16.90 -17.45 7.41
N THR A 82 16.66 -16.40 6.64
CA THR A 82 16.96 -16.34 5.23
C THR A 82 18.11 -15.36 4.99
N VAL A 83 18.47 -14.60 6.04
CA VAL A 83 19.34 -13.43 5.93
C VAL A 83 20.79 -13.68 6.41
N PRO A 84 21.75 -12.83 5.99
CA PRO A 84 23.15 -12.92 6.46
C PRO A 84 23.31 -12.71 7.97
N GLY A 85 24.26 -13.43 8.54
CA GLY A 85 24.51 -13.40 9.97
C GLY A 85 23.90 -14.63 10.59
N HIS A 86 24.02 -14.76 11.90
CA HIS A 86 23.51 -15.94 12.58
C HIS A 86 21.99 -15.83 12.75
N ALA A 87 21.31 -16.97 12.76
CA ALA A 87 19.89 -16.98 13.10
C ALA A 87 19.77 -16.35 14.49
N GLY A 88 18.67 -15.63 14.70
CA GLY A 88 18.42 -14.96 15.96
C GLY A 88 18.28 -15.92 17.12
N ARG A 89 17.93 -15.37 18.27
CA ARG A 89 17.76 -16.20 19.45
C ARG A 89 16.76 -15.63 20.42
N LEU A 90 16.19 -16.55 21.19
CA LEU A 90 15.25 -16.23 22.24
C LEU A 90 16.05 -16.41 23.52
N VAL A 91 16.18 -15.34 24.30
CA VAL A 91 16.88 -15.42 25.55
C VAL A 91 15.91 -15.16 26.70
N PHE A 92 15.84 -16.13 27.61
CA PHE A 92 15.06 -16.08 28.85
C PHE A 92 15.95 -15.70 30.03
N GLY A 93 15.41 -14.93 30.96
CA GLY A 93 16.14 -14.58 32.17
C GLY A 93 15.44 -13.46 32.94
N PHE A 94 16.19 -12.78 33.79
CA PHE A 94 15.62 -11.73 34.60
C PHE A 94 16.24 -10.42 34.26
N LEU A 95 15.42 -9.40 34.14
CA LEU A 95 15.92 -8.07 33.82
C LEU A 95 15.54 -7.14 34.97
N ASN A 96 16.53 -6.63 35.68
CA ASN A 96 16.31 -5.99 36.99
C ASN A 96 15.30 -6.75 37.87
N GLY A 97 15.35 -8.08 37.83
CA GLY A 97 14.48 -8.89 38.68
C GLY A 97 13.29 -9.51 37.99
N ARG A 98 12.83 -8.89 36.89
CA ARG A 98 11.61 -9.32 36.21
C ARG A 98 11.82 -10.50 35.28
N ALA A 99 10.97 -11.52 35.38
CA ALA A 99 11.03 -12.66 34.46
C ALA A 99 10.73 -12.22 33.01
N CYS A 100 11.75 -12.30 32.14
CA CYS A 100 11.69 -11.83 30.74
C CYS A 100 12.04 -12.87 29.72
N VAL A 101 11.50 -12.69 28.51
CA VAL A 101 11.98 -13.36 27.32
C VAL A 101 12.27 -12.33 26.29
N MET A 102 13.39 -12.49 25.62
CA MET A 102 13.95 -11.44 24.76
C MET A 102 14.23 -12.03 23.38
N MET A 103 13.72 -11.35 22.36
CA MET A 103 14.04 -11.66 20.94
C MET A 103 15.20 -10.83 20.46
N GLN A 104 16.27 -11.51 20.09
CA GLN A 104 17.37 -10.84 19.43
C GLN A 104 17.37 -11.18 17.94
N GLY A 105 17.16 -10.17 17.10
CA GLY A 105 17.01 -10.39 15.67
C GLY A 105 15.54 -10.64 15.30
N ARG A 106 14.90 -9.61 14.74
CA ARG A 106 13.50 -9.74 14.37
C ARG A 106 13.42 -10.00 12.88
N PHE A 107 12.27 -10.48 12.44
CA PHE A 107 11.98 -10.64 11.01
C PHE A 107 11.37 -9.36 10.46
N HIS A 108 11.77 -8.98 9.26
CA HIS A 108 11.22 -7.80 8.60
C HIS A 108 10.51 -8.17 7.31
N MET A 109 9.48 -7.40 7.00
CA MET A 109 8.74 -7.50 5.77
C MET A 109 9.70 -7.34 4.58
N TYR A 110 10.58 -6.33 4.67
CA TYR A 110 11.48 -6.01 3.55
C TYR A 110 12.44 -7.12 3.17
N GLU A 111 12.67 -8.08 4.06
CA GLU A 111 13.46 -9.26 3.77
C GLU A 111 12.68 -10.35 3.06
N GLY A 112 11.40 -10.10 2.80
CA GLY A 112 10.56 -11.06 2.11
C GLY A 112 9.78 -11.99 3.01
N TYR A 113 9.78 -11.77 4.33
CA TYR A 113 8.90 -12.50 5.26
C TYR A 113 7.43 -12.04 5.21
N PRO A 114 6.49 -12.98 5.15
CA PRO A 114 5.10 -12.55 5.31
C PRO A 114 4.87 -12.08 6.72
N LEU A 115 3.79 -11.33 6.93
CA LEU A 115 3.49 -10.79 8.24
C LEU A 115 3.13 -11.90 9.24
N TRP A 116 2.55 -12.97 8.77
CA TRP A 116 2.22 -14.08 9.64
C TRP A 116 3.45 -14.84 10.15
N LYS A 117 4.58 -14.72 9.46
CA LYS A 117 5.83 -15.22 10.01
C LYS A 117 6.46 -14.18 10.93
N VAL A 118 6.42 -12.91 10.53
CA VAL A 118 6.99 -11.83 11.33
C VAL A 118 6.46 -11.84 12.75
N THR A 119 5.15 -12.07 12.89
CA THR A 119 4.47 -11.90 14.16
C THR A 119 4.23 -13.24 14.86
N PHE A 120 4.70 -14.33 14.25
CA PHE A 120 4.57 -15.65 14.86
C PHE A 120 5.04 -15.67 16.33
N PRO A 121 6.17 -15.00 16.64
CA PRO A 121 6.65 -15.06 18.02
C PRO A 121 5.75 -14.38 19.01
N VAL A 122 5.01 -13.36 18.60
CA VAL A 122 4.14 -12.65 19.53
C VAL A 122 3.00 -13.53 20.00
N ARG A 123 2.40 -14.26 19.08
CA ARG A 123 1.37 -15.22 19.47
C ARG A 123 1.94 -16.28 20.44
N VAL A 124 3.15 -16.79 20.17
CA VAL A 124 3.77 -17.74 21.07
C VAL A 124 4.01 -17.15 22.45
N PHE A 125 4.42 -15.88 22.52
CA PHE A 125 4.61 -15.22 23.82
C PHE A 125 3.34 -15.23 24.64
N HIS A 126 2.21 -14.92 24.00
CA HIS A 126 0.93 -14.97 24.68
C HIS A 126 0.74 -16.34 25.31
N LEU A 127 0.90 -17.38 24.51
CA LEU A 127 0.70 -18.75 25.00
C LEU A 127 1.74 -19.17 26.04
N LEU A 128 2.88 -18.48 26.08
CA LEU A 128 3.86 -18.68 27.14
C LEU A 128 3.36 -18.11 28.47
N GLY A 129 2.35 -17.25 28.40
CA GLY A 129 1.84 -16.57 29.60
C GLY A 129 2.38 -15.16 29.77
N VAL A 130 3.04 -14.63 28.74
CA VAL A 130 3.51 -13.25 28.79
C VAL A 130 2.30 -12.34 28.76
N ASP A 131 2.34 -11.25 29.52
CA ASP A 131 1.25 -10.27 29.51
C ASP A 131 1.69 -8.86 29.08
N THR A 132 2.97 -8.67 28.79
CA THR A 132 3.49 -7.35 28.41
C THR A 132 4.53 -7.51 27.31
N LEU A 133 4.45 -6.62 26.33
CA LEU A 133 5.41 -6.60 25.23
C LEU A 133 6.06 -5.23 25.20
N VAL A 134 7.38 -5.22 25.23
CA VAL A 134 8.13 -4.00 25.00
C VAL A 134 8.78 -4.10 23.63
N VAL A 135 8.58 -3.07 22.81
CA VAL A 135 9.15 -3.05 21.48
C VAL A 135 10.17 -1.94 21.44
N THR A 136 11.34 -2.26 20.89
CA THR A 136 12.33 -1.25 20.57
C THR A 136 12.60 -1.28 19.08
N ASN A 137 13.05 -0.15 18.54
CA ASN A 137 13.50 -0.08 17.19
C ASN A 137 14.40 1.13 16.95
N ALA A 138 15.04 1.13 15.79
CA ALA A 138 15.87 2.23 15.31
C ALA A 138 15.07 3.00 14.26
N ALA A 139 14.94 4.30 14.42
CA ALA A 139 14.05 5.07 13.55
C ALA A 139 14.76 6.26 12.94
N GLY A 140 14.25 6.72 11.80
CA GLY A 140 14.62 8.01 11.23
C GLY A 140 13.73 9.11 11.79
N GLY A 141 14.33 10.23 12.17
CA GLY A 141 13.58 11.33 12.74
C GLY A 141 12.90 12.15 11.66
N LEU A 142 11.60 12.34 11.81
CA LEU A 142 10.83 13.21 10.96
C LEU A 142 10.54 14.56 11.65
N ASN A 143 10.34 14.56 12.97
CA ASN A 143 10.10 15.83 13.68
C ASN A 143 11.39 16.65 13.74
N PRO A 144 11.37 17.88 13.19
CA PRO A 144 12.58 18.71 13.12
C PRO A 144 13.29 18.87 14.45
N LYS A 145 12.53 18.89 15.54
CA LYS A 145 13.10 19.07 16.87
C LYS A 145 13.91 17.86 17.39
N PHE A 146 13.82 16.70 16.74
CA PHE A 146 14.59 15.51 17.16
C PHE A 146 16.06 15.58 16.73
N GLU A 147 16.92 14.94 17.51
CA GLU A 147 18.35 14.86 17.22
C GLU A 147 18.79 13.40 17.20
N VAL A 148 19.89 13.14 16.53
CA VAL A 148 20.45 11.79 16.49
C VAL A 148 20.69 11.33 17.94
N GLY A 149 20.26 10.11 18.25
CA GLY A 149 20.42 9.56 19.58
C GLY A 149 19.31 9.84 20.57
N ASP A 150 18.32 10.62 20.18
CA ASP A 150 17.14 10.81 20.99
C ASP A 150 16.38 9.52 21.10
N ILE A 151 15.71 9.37 22.23
CA ILE A 151 14.80 8.27 22.47
C ILE A 151 13.41 8.86 22.41
N MET A 152 12.53 8.18 21.66
CA MET A 152 11.14 8.60 21.49
C MET A 152 10.23 7.52 22.07
N LEU A 153 9.50 7.87 23.12
CA LEU A 153 8.42 7.05 23.64
C LEU A 153 7.35 7.04 22.57
N ILE A 154 6.97 5.85 22.10
CA ILE A 154 5.93 5.75 21.06
C ILE A 154 4.57 5.92 21.71
N ARG A 155 3.84 6.95 21.28
CA ARG A 155 2.50 7.23 21.76
C ARG A 155 1.44 6.62 20.84
N ASP A 156 1.79 6.49 19.57
CA ASP A 156 0.85 6.03 18.59
C ASP A 156 1.57 5.61 17.35
N HIS A 157 0.86 4.94 16.45
CA HIS A 157 1.46 4.56 15.20
C HIS A 157 0.57 4.83 14.01
N ILE A 158 1.22 4.89 12.83
CA ILE A 158 0.53 4.88 11.53
C ILE A 158 1.03 3.70 10.72
N ASN A 159 0.11 2.83 10.36
CA ASN A 159 0.43 1.60 9.66
C ASN A 159 0.11 1.71 8.15
N LEU A 160 1.07 2.17 7.35
CA LEU A 160 0.85 2.32 5.92
C LEU A 160 0.64 0.98 5.22
N PRO A 161 1.52 0.00 5.46
CA PRO A 161 1.19 -1.31 4.87
C PRO A 161 -0.23 -1.81 5.20
N GLY A 162 -0.70 -1.50 6.42
CA GLY A 162 -2.00 -1.96 6.89
C GLY A 162 -3.19 -1.42 6.11
N PHE A 163 -3.16 -0.13 5.77
CA PHE A 163 -4.20 0.49 4.97
C PHE A 163 -4.48 -0.24 3.69
N SER A 164 -3.43 -0.81 3.08
CA SER A 164 -3.53 -1.42 1.76
C SER A 164 -3.68 -2.95 1.76
N GLY A 165 -3.72 -3.60 2.92
CA GLY A 165 -3.95 -5.05 2.95
C GLY A 165 -2.87 -5.90 3.57
N GLN A 166 -1.70 -5.32 3.81
CA GLN A 166 -0.65 -5.97 4.59
C GLN A 166 -0.89 -5.73 6.09
N ASN A 167 -1.82 -6.50 6.62
CA ASN A 167 -2.20 -6.46 8.04
C ASN A 167 -2.04 -7.88 8.56
N PRO A 168 -1.34 -8.05 9.70
CA PRO A 168 -0.99 -9.40 10.16
C PRO A 168 -2.19 -10.21 10.57
N LEU A 169 -3.31 -9.52 10.77
CA LEU A 169 -4.57 -10.13 11.21
C LEU A 169 -5.47 -10.57 10.05
N ARG A 170 -5.06 -10.27 8.82
CA ARG A 170 -5.83 -10.67 7.64
C ARG A 170 -6.01 -12.17 7.62
N GLY A 171 -7.21 -12.61 7.25
CA GLY A 171 -7.52 -14.03 7.24
C GLY A 171 -8.56 -14.30 8.32
N PRO A 172 -8.94 -15.58 8.49
CA PRO A 172 -9.93 -15.92 9.49
C PRO A 172 -9.42 -15.60 10.88
N ASN A 173 -10.29 -15.10 11.74
CA ASN A 173 -9.95 -14.76 13.10
C ASN A 173 -9.98 -15.99 13.99
N ASP A 174 -9.05 -16.09 14.93
CA ASP A 174 -9.18 -17.12 15.95
C ASP A 174 -9.56 -16.49 17.28
N GLU A 175 -10.77 -16.80 17.74
CA GLU A 175 -11.34 -16.23 18.96
C GLU A 175 -10.55 -16.65 20.20
N ARG A 176 -9.83 -17.77 20.13
CA ARG A 176 -8.85 -18.11 21.17
C ARG A 176 -7.77 -17.06 21.36
N PHE A 177 -7.45 -16.26 20.34
CA PHE A 177 -6.51 -15.14 20.52
C PHE A 177 -7.25 -13.84 20.86
N GLY A 178 -8.25 -13.50 20.05
CA GLY A 178 -8.95 -12.25 20.28
C GLY A 178 -10.10 -12.01 19.32
N ASP A 179 -10.49 -10.74 19.19
CA ASP A 179 -11.68 -10.37 18.49
C ASP A 179 -11.40 -10.13 17.00
N ARG A 180 -12.48 -10.10 16.23
CA ARG A 180 -12.39 -9.94 14.79
C ARG A 180 -11.82 -8.56 14.44
N PHE A 181 -12.29 -7.53 15.14
CA PHE A 181 -12.03 -6.13 14.80
C PHE A 181 -11.46 -5.39 16.02
N PRO A 182 -10.18 -5.64 16.36
CA PRO A 182 -9.65 -5.07 17.59
C PRO A 182 -9.38 -3.57 17.49
N ALA A 183 -9.78 -2.86 18.54
CA ALA A 183 -9.48 -1.44 18.77
C ALA A 183 -7.97 -1.20 18.89
N MET A 184 -7.48 -0.14 18.25
CA MET A 184 -6.06 0.21 18.35
C MET A 184 -5.80 1.63 18.88
N SER A 185 -6.86 2.32 19.21
CA SER A 185 -6.77 3.67 19.76
C SER A 185 -6.01 3.73 21.08
N ASP A 186 -6.06 2.63 21.84
CA ASP A 186 -5.37 2.53 23.13
C ASP A 186 -4.13 1.60 23.08
N ALA A 187 -3.50 1.48 21.91
CA ALA A 187 -2.39 0.54 21.69
C ALA A 187 -1.25 0.71 22.69
N TYR A 188 -0.83 1.95 22.88
CA TYR A 188 0.36 2.18 23.69
C TYR A 188 -0.05 2.54 25.10
N ASP A 189 0.09 1.57 26.00
CA ASP A 189 -0.36 1.69 27.40
C ASP A 189 -0.08 3.04 28.01
N ARG A 190 -1.13 3.73 28.42
CA ARG A 190 -1.04 5.07 29.01
C ARG A 190 -0.33 5.13 30.35
N THR A 191 -0.44 4.08 31.16
CA THR A 191 0.15 4.10 32.50
C THR A 191 1.67 4.00 32.37
N MET A 192 2.13 3.07 31.54
CA MET A 192 3.56 2.95 31.25
C MET A 192 4.15 4.21 30.61
N ARG A 193 3.38 4.95 29.82
CA ARG A 193 3.93 6.18 29.28
C ARG A 193 4.15 7.18 30.38
N GLN A 194 3.15 7.38 31.23
CA GLN A 194 3.30 8.31 32.38
C GLN A 194 4.52 7.93 33.22
N ARG A 195 4.71 6.64 33.42
CA ARG A 195 5.79 6.17 34.28
C ARG A 195 7.17 6.29 33.64
N ALA A 196 7.25 6.13 32.31
CA ALA A 196 8.47 6.37 31.58
C ALA A 196 8.87 7.84 31.70
N LEU A 197 7.94 8.75 31.39
CA LEU A 197 8.21 10.19 31.52
C LEU A 197 8.69 10.57 32.91
N SER A 198 8.08 9.96 33.92
CA SER A 198 8.38 10.24 35.32
C SER A 198 9.71 9.61 35.78
N THR A 199 9.98 8.38 35.36
CA THR A 199 11.28 7.74 35.63
C THR A 199 12.42 8.45 34.89
N TRP A 200 12.18 8.93 33.68
CA TRP A 200 13.23 9.64 32.94
C TRP A 200 13.83 10.78 33.75
N LYS A 201 12.98 11.58 34.40
CA LYS A 201 13.42 12.71 35.24
C LYS A 201 14.47 12.32 36.26
N GLN A 202 14.23 11.23 36.99
CA GLN A 202 15.17 10.76 38.00
C GLN A 202 16.56 10.37 37.43
N MET A 203 16.61 9.98 36.16
CA MET A 203 17.87 9.64 35.52
C MET A 203 18.69 10.88 35.12
N GLY A 204 18.08 12.06 35.24
CA GLY A 204 18.77 13.35 35.03
C GLY A 204 19.55 13.46 33.73
N GLU A 205 18.91 13.10 32.62
CA GLU A 205 19.55 13.13 31.31
C GLU A 205 19.66 14.56 30.77
N GLN A 206 20.61 14.76 29.85
CA GLN A 206 20.75 16.03 29.15
C GLN A 206 19.45 16.37 28.40
N ARG A 207 19.04 15.48 27.50
CA ARG A 207 17.87 15.71 26.66
C ARG A 207 16.61 15.05 27.20
N GLU A 208 15.47 15.60 26.81
CA GLU A 208 14.18 15.08 27.22
C GLU A 208 13.92 13.80 26.46
N LEU A 209 13.12 12.95 27.09
CA LEU A 209 12.52 11.79 26.44
C LEU A 209 11.44 12.29 25.49
N GLN A 210 11.63 12.07 24.20
CA GLN A 210 10.67 12.52 23.21
C GLN A 210 9.45 11.58 23.15
N GLU A 211 8.34 12.10 22.65
CA GLU A 211 7.10 11.35 22.55
C GLU A 211 6.45 11.64 21.19
N GLY A 212 5.96 10.62 20.50
CA GLY A 212 5.29 10.87 19.24
C GLY A 212 4.87 9.64 18.49
N THR A 213 4.66 9.80 17.20
CA THR A 213 4.05 8.76 16.39
C THR A 213 5.05 8.12 15.50
N TYR A 214 5.07 6.80 15.51
CA TYR A 214 5.92 6.02 14.59
C TYR A 214 5.09 5.67 13.36
N VAL A 215 5.64 5.94 12.18
CA VAL A 215 5.00 5.50 10.92
C VAL A 215 5.80 4.33 10.35
N MET A 216 5.13 3.22 10.05
CA MET A 216 5.78 2.09 9.41
C MET A 216 5.64 2.26 7.90
N VAL A 217 6.77 2.11 7.19
CA VAL A 217 6.82 1.94 5.76
C VAL A 217 7.48 0.58 5.51
N ALA A 218 7.21 -0.04 4.37
CA ALA A 218 7.66 -1.41 4.14
C ALA A 218 9.16 -1.47 3.91
N GLY A 219 9.70 -0.42 3.30
CA GLY A 219 11.07 -0.42 2.86
C GLY A 219 11.35 -1.42 1.74
N PRO A 220 12.62 -1.66 1.43
CA PRO A 220 13.79 -1.26 2.24
C PRO A 220 14.47 0.06 1.88
N SER A 221 14.12 0.67 0.77
CA SER A 221 14.82 1.93 0.41
C SER A 221 14.46 3.08 1.36
N PHE A 222 15.35 4.05 1.50
CA PHE A 222 15.06 5.21 2.35
C PHE A 222 14.23 6.23 1.56
N GLN A 223 13.68 7.21 2.27
CA GLN A 223 12.69 8.11 1.69
C GLN A 223 13.31 9.18 0.81
N THR A 224 12.59 9.56 -0.24
CA THR A 224 12.89 10.78 -0.92
C THR A 224 12.48 11.97 -0.03
N VAL A 225 12.93 13.15 -0.43
CA VAL A 225 12.49 14.38 0.22
C VAL A 225 10.97 14.52 0.06
N ALA A 226 10.44 14.24 -1.13
CA ALA A 226 8.98 14.30 -1.33
C ALA A 226 8.24 13.36 -0.40
N GLU A 227 8.74 12.14 -0.25
CA GLU A 227 8.09 11.14 0.58
C GLU A 227 8.23 11.53 2.04
N CYS A 228 9.37 12.11 2.40
CA CYS A 228 9.60 12.59 3.76
C CYS A 228 8.61 13.70 4.09
N ARG A 229 8.28 14.53 3.12
CA ARG A 229 7.32 15.59 3.39
C ARG A 229 5.89 15.05 3.55
N VAL A 230 5.53 13.99 2.82
CA VAL A 230 4.20 13.41 2.99
C VAL A 230 4.11 12.83 4.38
N LEU A 231 5.13 12.09 4.77
CA LEU A 231 5.16 11.43 6.07
C LEU A 231 5.03 12.45 7.22
N GLN A 232 5.70 13.58 7.10
CA GLN A 232 5.52 14.70 8.03
C GLN A 232 4.10 15.23 8.02
N LYS A 233 3.54 15.45 6.84
CA LYS A 233 2.19 16.04 6.72
C LYS A 233 1.14 15.12 7.31
N LEU A 234 1.36 13.83 7.16
CA LEU A 234 0.54 12.81 7.80
C LEU A 234 0.62 12.84 9.35
N GLY A 235 1.56 13.58 9.94
CA GLY A 235 1.72 13.66 11.40
C GLY A 235 2.71 12.70 12.05
N ALA A 236 3.52 11.98 11.27
CA ALA A 236 4.53 11.08 11.84
C ALA A 236 5.70 11.88 12.43
N ASP A 237 6.21 11.38 13.55
CA ASP A 237 7.39 11.94 14.18
C ASP A 237 8.65 11.09 13.91
N ALA A 238 8.49 9.80 13.68
CA ALA A 238 9.63 8.92 13.37
C ALA A 238 9.20 7.81 12.40
N VAL A 239 10.13 7.33 11.56
CA VAL A 239 9.82 6.32 10.54
C VAL A 239 10.76 5.12 10.63
N GLY A 240 10.22 3.95 10.40
CA GLY A 240 11.04 2.75 10.31
C GLY A 240 10.25 1.65 9.62
N MET A 241 10.78 0.45 9.60
CA MET A 241 10.26 -0.63 8.77
C MET A 241 9.85 -1.83 9.59
N SER A 242 9.48 -1.61 10.84
CA SER A 242 9.19 -2.70 11.75
C SER A 242 8.13 -2.34 12.76
N THR A 243 7.88 -3.27 13.69
CA THR A 243 7.28 -3.02 15.01
C THR A 243 5.77 -3.04 15.02
N VAL A 244 5.18 -2.24 14.14
CA VAL A 244 3.75 -2.06 14.10
C VAL A 244 2.97 -3.38 13.98
N PRO A 245 3.44 -4.32 13.14
CA PRO A 245 2.64 -5.58 13.09
C PRO A 245 2.65 -6.35 14.39
N GLU A 246 3.80 -6.41 15.05
CA GLU A 246 3.94 -7.05 16.34
C GLU A 246 3.00 -6.42 17.38
N VAL A 247 2.90 -5.10 17.35
CA VAL A 247 2.01 -4.38 18.26
C VAL A 247 0.55 -4.71 17.98
N ILE A 248 0.17 -4.75 16.72
CA ILE A 248 -1.21 -5.07 16.38
C ILE A 248 -1.59 -6.46 16.88
N VAL A 249 -0.70 -7.42 16.67
CA VAL A 249 -0.96 -8.78 17.13
C VAL A 249 -0.95 -8.87 18.66
N ALA A 250 -0.10 -8.09 19.30
CA ALA A 250 -0.01 -8.04 20.77
C ALA A 250 -1.34 -7.59 21.37
N ARG A 251 -1.87 -6.48 20.87
CA ARG A 251 -3.16 -5.95 21.30
C ARG A 251 -4.33 -6.88 21.00
N HIS A 252 -4.25 -7.57 19.89
CA HIS A 252 -5.29 -8.52 19.53
C HIS A 252 -5.38 -9.56 20.63
N CYS A 253 -4.23 -10.00 21.11
CA CYS A 253 -4.13 -10.97 22.21
C CYS A 253 -4.33 -10.38 23.60
N GLY A 254 -4.49 -9.06 23.71
CA GLY A 254 -4.72 -8.40 25.00
C GLY A 254 -3.46 -8.15 25.82
N LEU A 255 -2.31 -8.24 25.17
CA LEU A 255 -1.04 -7.84 25.80
C LEU A 255 -0.94 -6.35 26.01
N ARG A 256 -0.31 -5.95 27.11
CA ARG A 256 0.04 -4.56 27.37
C ARG A 256 1.29 -4.26 26.56
N VAL A 257 1.32 -3.08 25.94
CA VAL A 257 2.39 -2.72 25.00
C VAL A 257 2.96 -1.36 25.29
N PHE A 258 4.28 -1.28 25.41
CA PHE A 258 4.91 0.02 25.31
C PHE A 258 6.21 -0.10 24.54
N GLY A 259 6.73 1.03 24.09
CA GLY A 259 7.85 0.98 23.18
C GLY A 259 8.59 2.26 22.96
N PHE A 260 9.79 2.12 22.38
CA PHE A 260 10.71 3.21 22.17
C PHE A 260 11.34 3.13 20.80
N SER A 261 11.54 4.27 20.18
CA SER A 261 12.34 4.37 18.97
C SER A 261 13.61 5.13 19.32
N LEU A 262 14.76 4.58 18.95
CA LEU A 262 16.03 5.32 19.02
C LEU A 262 16.23 6.03 17.67
N ILE A 263 16.39 7.36 17.70
CA ILE A 263 16.52 8.14 16.47
C ILE A 263 17.99 8.08 15.97
N THR A 264 18.21 7.36 14.86
CA THR A 264 19.56 7.04 14.36
C THR A 264 20.03 7.98 13.26
N ASP A 265 19.08 8.66 12.61
CA ASP A 265 19.40 9.69 11.63
C ASP A 265 18.23 10.65 11.46
N LYS A 266 18.53 11.88 11.07
CA LYS A 266 17.49 12.83 10.70
C LYS A 266 17.19 12.66 9.20
N VAL A 267 15.90 12.49 8.89
CA VAL A 267 15.48 12.27 7.53
C VAL A 267 15.56 13.60 6.79
N ILE A 268 16.11 13.58 5.58
CA ILE A 268 16.36 14.81 4.84
C ILE A 268 15.03 15.28 4.26
N MET A 269 14.62 16.50 4.59
CA MET A 269 13.29 17.02 4.26
C MET A 269 13.34 18.22 3.31
N ASP A 270 14.50 18.56 2.77
CA ASP A 270 14.53 19.55 1.70
C ASP A 270 15.70 19.33 0.76
N TYR A 271 15.69 20.04 -0.36
CA TYR A 271 16.70 19.92 -1.41
C TYR A 271 17.91 20.80 -1.11
N GLU A 272 17.64 21.96 -0.51
CA GLU A 272 18.68 22.84 0.05
C GLU A 272 19.65 22.03 0.94
N SER A 273 19.09 21.17 1.78
CA SER A 273 19.87 20.26 2.64
C SER A 273 20.39 19.01 1.91
N LEU A 274 20.57 19.10 0.59
CA LEU A 274 21.40 18.15 -0.16
C LEU A 274 22.82 18.75 -0.33
N GLU A 275 23.07 19.81 0.44
CA GLU A 275 24.41 20.26 0.79
C GLU A 275 24.67 19.62 2.16
N LYS A 276 25.17 18.40 2.13
CA LYS A 276 25.16 17.47 3.25
C LYS A 276 26.56 16.89 3.44
N ALA A 277 27.08 16.95 4.67
CA ALA A 277 28.40 16.39 4.99
C ALA A 277 28.27 15.28 6.04
N ASN A 278 28.85 14.11 5.75
CA ASN A 278 28.81 12.95 6.66
C ASN A 278 30.09 12.84 7.48
N HIS A 279 29.94 12.49 8.76
CA HIS A 279 31.06 12.32 9.68
C HIS A 279 30.97 10.91 10.29
N GLU A 280 31.82 10.01 9.79
CA GLU A 280 31.75 8.56 10.12
C GLU A 280 31.87 8.20 11.61
N GLU A 281 32.25 9.15 12.46
CA GLU A 281 32.24 8.94 13.93
C GLU A 281 30.84 9.07 14.58
N VAL A 282 29.79 9.17 13.74
CA VAL A 282 28.39 9.08 14.20
C VAL A 282 28.00 7.68 14.71
N LEU A 283 28.95 6.74 14.68
CA LEU A 283 28.74 5.32 15.02
C LEU A 283 29.22 4.95 16.45
N ALA A 284 30.19 5.68 16.98
CA ALA A 284 30.61 5.54 18.38
C ALA A 284 29.59 6.17 19.33
N ALA A 285 29.05 7.33 18.93
CA ALA A 285 28.00 8.03 19.68
C ALA A 285 26.71 7.23 19.70
N GLY A 286 26.46 6.51 18.59
CA GLY A 286 25.29 5.64 18.44
C GLY A 286 25.35 4.39 19.30
N LYS A 287 26.55 3.87 19.56
CA LYS A 287 26.71 2.77 20.54
C LYS A 287 26.34 3.24 21.95
N GLN A 288 26.68 4.49 22.25
CA GLN A 288 26.40 5.15 23.53
C GLN A 288 24.91 5.45 23.70
N ALA A 289 24.26 5.87 22.62
CA ALA A 289 22.83 6.12 22.59
C ALA A 289 22.06 4.80 22.70
N ALA A 290 22.51 3.77 22.00
CA ALA A 290 21.89 2.45 22.15
C ALA A 290 21.99 1.99 23.60
N GLN A 291 23.14 2.25 24.20
CA GLN A 291 23.41 1.83 25.58
C GLN A 291 22.50 2.51 26.60
N LYS A 292 22.27 3.80 26.41
CA LYS A 292 21.30 4.54 27.19
C LYS A 292 19.89 3.97 27.07
N LEU A 293 19.46 3.63 25.87
CA LEU A 293 18.13 3.04 25.69
C LEU A 293 18.01 1.68 26.37
N GLU A 294 19.05 0.87 26.22
CA GLU A 294 19.11 -0.46 26.85
C GLU A 294 19.02 -0.36 28.37
N GLN A 295 19.70 0.61 28.95
CA GLN A 295 19.66 0.75 30.40
C GLN A 295 18.36 1.42 30.88
N PHE A 296 17.66 2.14 30.01
CA PHE A 296 16.38 2.74 30.40
C PHE A 296 15.25 1.72 30.36
N VAL A 297 15.17 0.94 29.30
CA VAL A 297 14.31 -0.22 29.27
C VAL A 297 14.54 -1.10 30.52
N SER A 298 15.79 -1.34 30.86
CA SER A 298 16.13 -2.23 31.97
C SER A 298 15.50 -1.78 33.28
N ILE A 299 15.69 -0.49 33.58
CA ILE A 299 15.25 0.06 34.81
C ILE A 299 13.72 0.12 34.87
N LEU A 300 13.08 0.32 33.73
CA LEU A 300 11.62 0.41 33.68
C LEU A 300 10.91 -0.88 34.04
N MET A 301 11.61 -1.99 34.02
CA MET A 301 11.04 -3.23 34.57
C MET A 301 10.45 -3.06 35.99
N ALA A 302 11.01 -2.14 36.79
CA ALA A 302 10.50 -1.90 38.14
C ALA A 302 9.05 -1.41 38.12
N SER A 303 8.70 -0.70 37.05
CA SER A 303 7.45 0.02 36.95
C SER A 303 6.32 -0.77 36.25
N ILE A 304 6.63 -1.90 35.62
CA ILE A 304 5.58 -2.71 35.04
C ILE A 304 4.81 -3.39 36.19
N PRO A 305 3.47 -3.36 36.18
CA PRO A 305 2.66 -4.12 37.15
C PRO A 305 2.91 -5.62 37.08
N LEU A 306 2.80 -6.29 38.22
CA LEU A 306 2.96 -7.74 38.29
C LEU A 306 1.62 -8.38 37.91
N PRO A 307 1.62 -9.67 37.56
CA PRO A 307 0.35 -10.34 37.23
C PRO A 307 -0.52 -10.60 38.46
N GLY B 21 2.89 -13.37 -4.26
CA GLY B 21 1.70 -13.51 -5.17
C GLY B 21 0.47 -12.75 -4.69
N HIS B 22 -0.09 -11.90 -5.54
CA HIS B 22 -1.28 -11.09 -5.21
C HIS B 22 -2.12 -10.79 -6.47
N MET B 23 -3.44 -10.99 -6.38
CA MET B 23 -4.39 -10.82 -7.50
C MET B 23 -4.19 -11.79 -8.70
N GLU B 24 -3.97 -13.07 -8.40
CA GLU B 24 -3.86 -14.10 -9.46
C GLU B 24 -5.25 -14.65 -9.86
N ASN B 25 -5.97 -13.91 -10.73
CA ASN B 25 -7.38 -14.23 -11.11
C ASN B 25 -7.59 -15.65 -11.64
N GLY B 26 -8.31 -16.43 -10.86
CA GLY B 26 -8.71 -17.77 -11.26
C GLY B 26 -9.94 -17.83 -12.16
N TYR B 27 -10.65 -16.71 -12.39
CA TYR B 27 -11.86 -16.74 -13.24
C TYR B 27 -11.60 -16.37 -14.70
N THR B 28 -11.98 -17.28 -15.60
CA THR B 28 -12.05 -16.98 -17.03
C THR B 28 -13.39 -16.29 -17.32
N TYR B 29 -13.48 -15.63 -18.47
CA TYR B 29 -14.73 -15.06 -18.93
C TYR B 29 -15.82 -16.13 -19.00
N GLU B 30 -15.44 -17.29 -19.51
CA GLU B 30 -16.34 -18.44 -19.61
C GLU B 30 -16.95 -18.79 -18.25
N ASP B 31 -16.19 -18.66 -17.16
CA ASP B 31 -16.69 -18.95 -15.81
C ASP B 31 -17.77 -17.97 -15.38
N TYR B 32 -17.56 -16.69 -15.65
CA TYR B 32 -18.54 -15.67 -15.36
C TYR B 32 -19.85 -15.92 -16.13
N LYS B 33 -19.69 -16.23 -17.41
CA LYS B 33 -20.83 -16.52 -18.29
C LYS B 33 -21.52 -17.82 -17.88
N ASN B 34 -20.76 -18.84 -17.48
CA ASN B 34 -21.38 -20.07 -17.00
C ASN B 34 -22.25 -19.83 -15.76
N THR B 35 -21.77 -19.02 -14.83
CA THR B 35 -22.54 -18.67 -13.65
C THR B 35 -23.77 -17.87 -14.03
N ALA B 36 -23.63 -16.83 -14.87
CA ALA B 36 -24.79 -16.01 -15.25
C ALA B 36 -25.84 -16.86 -15.94
N GLU B 37 -25.42 -17.73 -16.85
CA GLU B 37 -26.33 -18.62 -17.57
C GLU B 37 -27.01 -19.64 -16.67
N TRP B 38 -26.32 -20.13 -15.64
CA TRP B 38 -26.93 -21.06 -14.68
C TRP B 38 -28.07 -20.37 -13.93
N LEU B 39 -27.81 -19.17 -13.42
CA LEU B 39 -28.83 -18.39 -12.71
C LEU B 39 -29.98 -18.00 -13.61
N LEU B 40 -29.70 -17.66 -14.86
CA LEU B 40 -30.74 -17.21 -15.79
C LEU B 40 -31.72 -18.34 -16.13
N SER B 41 -31.22 -19.57 -16.15
CA SER B 41 -32.04 -20.75 -16.43
C SER B 41 -32.65 -21.39 -15.16
N HIS B 42 -32.25 -20.94 -13.97
CA HIS B 42 -32.85 -21.47 -12.74
C HIS B 42 -33.82 -20.51 -12.07
N THR B 43 -33.95 -19.30 -12.60
CA THR B 43 -35.02 -18.36 -12.21
C THR B 43 -35.54 -17.63 -13.43
N LYS B 44 -36.82 -17.29 -13.42
CA LYS B 44 -37.42 -16.51 -14.49
C LYS B 44 -37.20 -15.00 -14.26
N HIS B 45 -36.80 -14.62 -13.04
CA HIS B 45 -36.46 -13.23 -12.75
C HIS B 45 -35.37 -12.68 -13.65
N ARG B 46 -35.46 -11.39 -13.93
CA ARG B 46 -34.51 -10.70 -14.77
C ARG B 46 -34.27 -9.33 -14.13
N PRO B 47 -33.23 -9.21 -13.28
CA PRO B 47 -33.06 -7.98 -12.53
C PRO B 47 -32.55 -6.82 -13.36
N GLN B 48 -32.98 -5.62 -13.01
CA GLN B 48 -32.39 -4.38 -13.54
C GLN B 48 -31.37 -3.85 -12.51
N VAL B 49 -31.66 -4.12 -11.24
CA VAL B 49 -30.93 -3.53 -10.12
C VAL B 49 -30.32 -4.62 -9.22
N ALA B 50 -29.05 -4.43 -8.86
CA ALA B 50 -28.38 -5.29 -7.87
C ALA B 50 -28.14 -4.44 -6.67
N ILE B 51 -28.37 -5.03 -5.50
CA ILE B 51 -28.20 -4.33 -4.26
C ILE B 51 -27.29 -5.16 -3.36
N ILE B 52 -26.19 -4.57 -2.92
CA ILE B 52 -25.32 -5.24 -1.97
C ILE B 52 -25.60 -4.75 -0.57
N CYS B 53 -26.11 -5.67 0.27
CA CYS B 53 -26.46 -5.34 1.66
C CYS B 53 -25.24 -5.40 2.56
N GLY B 54 -24.98 -4.30 3.25
CA GLY B 54 -23.95 -4.27 4.25
C GLY B 54 -24.32 -5.02 5.52
N SER B 55 -23.42 -4.95 6.49
CA SER B 55 -23.57 -5.64 7.77
C SER B 55 -24.76 -5.05 8.52
N GLY B 56 -25.68 -5.91 8.96
CA GLY B 56 -26.89 -5.44 9.67
C GLY B 56 -28.04 -4.97 8.76
N LEU B 57 -27.89 -5.09 7.44
CA LEU B 57 -28.94 -4.69 6.50
C LEU B 57 -29.46 -5.85 5.65
N GLY B 58 -29.16 -7.08 6.02
CA GLY B 58 -29.76 -8.26 5.38
C GLY B 58 -31.29 -8.29 5.41
N GLY B 59 -31.91 -7.67 6.42
CA GLY B 59 -33.38 -7.58 6.51
C GLY B 59 -34.08 -6.90 5.33
N LEU B 60 -33.33 -6.26 4.45
CA LEU B 60 -33.88 -5.73 3.21
C LEU B 60 -34.51 -6.83 2.35
N THR B 61 -33.98 -8.06 2.42
CA THR B 61 -34.50 -9.14 1.59
C THR B 61 -35.94 -9.52 1.95
N ASP B 62 -36.35 -9.28 3.18
CA ASP B 62 -37.74 -9.51 3.58
C ASP B 62 -38.72 -8.61 2.84
N LYS B 63 -38.24 -7.46 2.37
CA LYS B 63 -39.09 -6.48 1.66
C LYS B 63 -39.40 -6.88 0.22
N LEU B 64 -38.61 -7.78 -0.33
CA LEU B 64 -38.85 -8.25 -1.69
C LEU B 64 -40.16 -9.02 -1.79
N THR B 65 -40.82 -8.85 -2.93
CA THR B 65 -41.98 -9.67 -3.25
C THR B 65 -41.54 -10.65 -4.34
N GLN B 66 -42.28 -11.73 -4.49
CA GLN B 66 -42.07 -12.73 -5.53
C GLN B 66 -40.67 -13.29 -5.57
N ALA B 67 -40.08 -13.43 -4.38
CA ALA B 67 -38.68 -13.79 -4.23
C ALA B 67 -38.37 -15.24 -4.58
N GLN B 68 -37.12 -15.46 -5.02
CA GLN B 68 -36.49 -16.77 -5.14
C GLN B 68 -35.09 -16.68 -4.54
N ILE B 69 -34.74 -17.66 -3.71
CA ILE B 69 -33.44 -17.68 -3.03
C ILE B 69 -32.50 -18.74 -3.61
N PHE B 70 -31.24 -18.33 -3.78
CA PHE B 70 -30.14 -19.23 -4.09
C PHE B 70 -29.06 -19.04 -3.03
N ASP B 71 -28.66 -20.15 -2.40
CA ASP B 71 -27.51 -20.11 -1.50
C ASP B 71 -26.25 -20.11 -2.34
N TYR B 72 -25.22 -19.38 -1.91
CA TYR B 72 -23.95 -19.32 -2.66
C TYR B 72 -23.40 -20.71 -2.97
N GLY B 73 -23.56 -21.66 -2.06
CA GLY B 73 -23.03 -23.01 -2.26
C GLY B 73 -23.62 -23.76 -3.42
N GLU B 74 -24.80 -23.31 -3.82
CA GLU B 74 -25.62 -23.91 -4.86
C GLU B 74 -25.26 -23.41 -6.27
N ILE B 75 -24.64 -22.22 -6.34
CA ILE B 75 -24.37 -21.51 -7.59
C ILE B 75 -22.94 -21.81 -8.06
N PRO B 76 -22.75 -22.21 -9.33
CA PRO B 76 -21.39 -22.54 -9.82
C PRO B 76 -20.36 -21.40 -9.73
N ASN B 77 -19.11 -21.74 -9.39
CA ASN B 77 -17.98 -20.78 -9.31
C ASN B 77 -18.05 -19.74 -8.20
N PHE B 78 -19.18 -19.68 -7.48
CA PHE B 78 -19.39 -18.63 -6.50
C PHE B 78 -18.44 -18.92 -5.34
N PRO B 79 -17.82 -17.87 -4.78
CA PRO B 79 -16.96 -18.13 -3.63
C PRO B 79 -17.76 -18.63 -2.42
N ARG B 80 -17.14 -19.49 -1.61
CA ARG B 80 -17.75 -20.05 -0.40
C ARG B 80 -17.61 -19.10 0.81
N SER B 81 -18.65 -19.03 1.66
CA SER B 81 -18.70 -18.11 2.82
C SER B 81 -18.01 -18.65 4.08
N THR B 82 -17.81 -17.76 5.06
CA THR B 82 -17.35 -18.11 6.43
C THR B 82 -17.68 -16.98 7.41
N GLY B 88 -24.62 -16.84 3.52
CA GLY B 88 -24.49 -16.22 2.20
C GLY B 88 -25.56 -16.62 1.17
N ARG B 89 -26.26 -15.64 0.62
CA ARG B 89 -27.21 -15.91 -0.44
C ARG B 89 -27.55 -14.75 -1.37
N LEU B 90 -28.05 -15.15 -2.53
CA LEU B 90 -28.59 -14.26 -3.54
C LEU B 90 -30.11 -14.40 -3.49
N VAL B 91 -30.80 -13.26 -3.45
CA VAL B 91 -32.24 -13.23 -3.47
C VAL B 91 -32.75 -12.37 -4.63
N PHE B 92 -33.51 -12.97 -5.53
CA PHE B 92 -34.17 -12.21 -6.61
C PHE B 92 -35.60 -11.84 -6.20
N GLY B 93 -36.13 -10.76 -6.74
CA GLY B 93 -37.42 -10.29 -6.35
C GLY B 93 -37.73 -8.89 -6.85
N PHE B 94 -38.92 -8.43 -6.49
CA PHE B 94 -39.32 -7.07 -6.73
C PHE B 94 -39.25 -6.32 -5.41
N LEU B 95 -38.57 -5.19 -5.44
CA LEU B 95 -38.54 -4.29 -4.31
C LEU B 95 -39.32 -3.08 -4.74
N ASN B 96 -40.46 -2.85 -4.11
CA ASN B 96 -41.31 -1.71 -4.44
C ASN B 96 -41.50 -1.67 -5.97
N GLY B 97 -41.84 -2.84 -6.52
CA GLY B 97 -42.12 -3.01 -7.96
C GLY B 97 -40.93 -3.21 -8.89
N ARG B 98 -39.71 -3.03 -8.39
CA ARG B 98 -38.51 -3.03 -9.23
C ARG B 98 -37.82 -4.39 -9.27
N ALA B 99 -37.46 -4.85 -10.46
CA ALA B 99 -36.76 -6.12 -10.64
C ALA B 99 -35.32 -6.06 -10.06
N CYS B 100 -35.10 -6.75 -8.95
CA CYS B 100 -33.86 -6.72 -8.15
C CYS B 100 -33.20 -8.04 -8.00
N VAL B 101 -31.90 -7.97 -7.75
CA VAL B 101 -31.16 -9.05 -7.17
C VAL B 101 -30.36 -8.51 -5.98
N MET B 102 -30.45 -9.21 -4.87
CA MET B 102 -29.95 -8.72 -3.61
C MET B 102 -28.90 -9.69 -3.12
N MET B 103 -27.75 -9.15 -2.73
CA MET B 103 -26.68 -9.96 -2.20
C MET B 103 -26.64 -9.83 -0.67
N GLN B 104 -26.93 -10.93 0.02
CA GLN B 104 -26.93 -10.92 1.47
C GLN B 104 -25.72 -11.71 2.00
N GLY B 105 -24.72 -10.97 2.47
CA GLY B 105 -23.48 -11.53 2.99
C GLY B 105 -22.34 -11.36 2.00
N ARG B 106 -21.72 -10.19 2.02
CA ARG B 106 -20.64 -9.89 1.09
C ARG B 106 -19.31 -10.49 1.55
N PHE B 107 -18.36 -10.54 0.62
CA PHE B 107 -17.01 -11.02 0.89
C PHE B 107 -16.10 -9.84 1.15
N HIS B 108 -15.15 -10.02 2.07
CA HIS B 108 -14.26 -8.94 2.47
C HIS B 108 -12.80 -9.34 2.32
N MET B 109 -12.00 -8.35 1.95
CA MET B 109 -10.57 -8.49 1.82
C MET B 109 -9.96 -9.01 3.12
N TYR B 110 -10.41 -8.49 4.26
CA TYR B 110 -9.83 -8.86 5.56
C TYR B 110 -10.04 -10.32 5.96
N GLU B 111 -11.01 -10.98 5.34
CA GLU B 111 -11.24 -12.41 5.59
C GLU B 111 -10.26 -13.27 4.80
N GLY B 112 -9.44 -12.66 3.95
CA GLY B 112 -8.46 -13.39 3.15
C GLY B 112 -8.90 -13.67 1.72
N TYR B 113 -10.03 -13.09 1.30
CA TYR B 113 -10.49 -13.16 -0.10
C TYR B 113 -9.67 -12.21 -0.97
N PRO B 114 -9.13 -12.71 -2.11
CA PRO B 114 -8.54 -11.81 -3.10
C PRO B 114 -9.64 -10.96 -3.70
N LEU B 115 -9.33 -9.73 -4.07
CA LEU B 115 -10.33 -8.83 -4.64
C LEU B 115 -11.05 -9.37 -5.90
N TRP B 116 -10.45 -10.32 -6.61
CA TRP B 116 -11.14 -10.94 -7.75
C TRP B 116 -12.24 -11.89 -7.32
N LYS B 117 -12.18 -12.38 -6.08
CA LYS B 117 -13.28 -13.16 -5.53
C LYS B 117 -14.34 -12.24 -4.96
N VAL B 118 -13.87 -11.18 -4.31
CA VAL B 118 -14.76 -10.19 -3.73
C VAL B 118 -15.72 -9.60 -4.76
N THR B 119 -15.22 -9.27 -5.94
CA THR B 119 -16.01 -8.56 -6.93
C THR B 119 -16.59 -9.45 -8.00
N PHE B 120 -16.35 -10.76 -7.87
CA PHE B 120 -16.93 -11.75 -8.79
C PHE B 120 -18.45 -11.58 -8.97
N PRO B 121 -19.20 -11.36 -7.87
CA PRO B 121 -20.64 -11.14 -8.04
C PRO B 121 -20.97 -10.01 -9.00
N VAL B 122 -20.19 -8.93 -9.00
CA VAL B 122 -20.52 -7.76 -9.85
C VAL B 122 -20.36 -8.08 -11.35
N ARG B 123 -19.30 -8.80 -11.70
CA ARG B 123 -19.16 -9.36 -13.07
C ARG B 123 -20.40 -10.15 -13.44
N VAL B 124 -20.82 -11.03 -12.55
CA VAL B 124 -21.98 -11.89 -12.81
C VAL B 124 -23.25 -11.06 -13.00
N PHE B 125 -23.46 -10.07 -12.12
CA PHE B 125 -24.64 -9.20 -12.22
C PHE B 125 -24.72 -8.53 -13.59
N HIS B 126 -23.59 -8.04 -14.08
CA HIS B 126 -23.54 -7.39 -15.40
C HIS B 126 -24.04 -8.35 -16.47
N LEU B 127 -23.58 -9.60 -16.41
CA LEU B 127 -23.97 -10.60 -17.42
C LEU B 127 -25.40 -11.10 -17.23
N LEU B 128 -25.96 -10.85 -16.05
CA LEU B 128 -27.39 -11.06 -15.80
C LEU B 128 -28.28 -10.04 -16.49
N GLY B 129 -27.73 -8.86 -16.81
CA GLY B 129 -28.51 -7.78 -17.40
C GLY B 129 -28.62 -6.55 -16.50
N VAL B 130 -28.10 -6.62 -15.27
CA VAL B 130 -28.28 -5.50 -14.35
C VAL B 130 -27.63 -4.25 -14.95
N ASP B 131 -28.25 -3.08 -14.81
CA ASP B 131 -27.64 -1.83 -15.25
C ASP B 131 -27.37 -0.86 -14.08
N THR B 132 -27.74 -1.23 -12.86
CA THR B 132 -27.55 -0.36 -11.69
C THR B 132 -27.12 -1.16 -10.50
N LEU B 133 -26.09 -0.69 -9.80
CA LEU B 133 -25.70 -1.27 -8.54
C LEU B 133 -25.89 -0.29 -7.38
N VAL B 134 -26.57 -0.77 -6.35
CA VAL B 134 -26.77 -0.03 -5.09
C VAL B 134 -25.88 -0.68 -4.06
N VAL B 135 -24.96 0.08 -3.48
CA VAL B 135 -24.09 -0.49 -2.48
C VAL B 135 -24.47 0.17 -1.14
N THR B 136 -24.47 -0.64 -0.08
CA THR B 136 -24.71 -0.14 1.27
C THR B 136 -23.65 -0.73 2.18
N ASN B 137 -23.35 -0.02 3.26
CA ASN B 137 -22.34 -0.48 4.20
C ASN B 137 -22.45 0.24 5.55
N ALA B 138 -21.79 -0.32 6.55
CA ALA B 138 -21.72 0.25 7.89
C ALA B 138 -20.33 0.83 8.04
N ALA B 139 -20.26 2.10 8.43
CA ALA B 139 -18.97 2.78 8.39
C ALA B 139 -18.73 3.50 9.69
N GLY B 140 -17.48 3.89 9.93
CA GLY B 140 -17.14 4.74 11.06
C GLY B 140 -17.15 6.18 10.63
N GLY B 141 -17.64 7.06 11.49
CA GLY B 141 -17.73 8.49 11.18
C GLY B 141 -16.40 9.16 11.43
N LEU B 142 -15.92 9.87 10.40
CA LEU B 142 -14.73 10.67 10.53
C LEU B 142 -15.11 12.15 10.57
N ASN B 143 -16.12 12.56 9.81
CA ASN B 143 -16.60 13.94 9.89
C ASN B 143 -17.23 14.19 11.26
N PRO B 144 -16.76 15.21 12.00
CA PRO B 144 -17.33 15.52 13.33
C PRO B 144 -18.80 15.92 13.31
N LYS B 145 -19.28 16.42 12.18
CA LYS B 145 -20.70 16.73 12.02
C LYS B 145 -21.58 15.48 12.15
N PHE B 146 -21.07 14.32 11.74
CA PHE B 146 -21.85 13.08 11.74
C PHE B 146 -22.14 12.57 13.15
N GLU B 147 -23.30 11.93 13.31
CA GLU B 147 -23.70 11.29 14.55
C GLU B 147 -24.03 9.83 14.28
N VAL B 148 -24.01 9.01 15.34
CA VAL B 148 -24.32 7.58 15.21
C VAL B 148 -25.79 7.40 14.76
N GLY B 149 -25.97 6.57 13.75
CA GLY B 149 -27.29 6.39 13.15
C GLY B 149 -27.51 7.18 11.88
N ASP B 150 -26.56 8.06 11.51
CA ASP B 150 -26.70 8.86 10.31
C ASP B 150 -26.61 8.01 9.07
N ILE B 151 -27.23 8.51 8.00
CA ILE B 151 -27.02 7.96 6.68
C ILE B 151 -26.22 8.95 5.85
N MET B 152 -25.14 8.45 5.24
CA MET B 152 -24.32 9.24 4.35
C MET B 152 -24.52 8.75 2.93
N LEU B 153 -24.99 9.64 2.08
CA LEU B 153 -25.00 9.39 0.64
C LEU B 153 -23.56 9.48 0.17
N ILE B 154 -23.03 8.41 -0.44
CA ILE B 154 -21.63 8.39 -0.89
C ILE B 154 -21.46 9.23 -2.17
N ARG B 155 -20.77 10.36 -2.05
CA ARG B 155 -20.50 11.24 -3.18
C ARG B 155 -19.27 10.81 -3.96
N ASP B 156 -18.36 10.12 -3.29
CA ASP B 156 -17.03 9.82 -3.86
C ASP B 156 -16.29 8.83 -2.95
N HIS B 157 -15.16 8.32 -3.38
CA HIS B 157 -14.38 7.47 -2.51
C HIS B 157 -12.88 7.68 -2.59
N ILE B 158 -12.17 7.10 -1.63
CA ILE B 158 -10.71 7.04 -1.64
C ILE B 158 -10.33 5.57 -1.44
N ASN B 159 -9.76 4.97 -2.47
CA ASN B 159 -9.34 3.59 -2.44
C ASN B 159 -7.86 3.39 -1.98
N LEU B 160 -7.61 3.32 -0.68
CA LEU B 160 -6.23 3.19 -0.18
C LEU B 160 -5.52 1.92 -0.66
N PRO B 161 -6.19 0.76 -0.61
CA PRO B 161 -5.60 -0.47 -1.16
C PRO B 161 -5.21 -0.32 -2.63
N GLY B 162 -6.00 0.44 -3.38
CA GLY B 162 -5.82 0.59 -4.81
C GLY B 162 -4.53 1.31 -5.16
N PHE B 163 -4.17 2.30 -4.36
CA PHE B 163 -2.95 3.06 -4.56
C PHE B 163 -1.73 2.19 -4.57
N SER B 164 -1.77 1.10 -3.81
CA SER B 164 -0.63 0.24 -3.65
C SER B 164 -0.67 -1.05 -4.45
N GLY B 165 -1.72 -1.34 -5.20
CA GLY B 165 -1.70 -2.57 -5.98
C GLY B 165 -2.92 -3.44 -5.86
N GLN B 166 -3.64 -3.31 -4.74
CA GLN B 166 -4.87 -4.08 -4.50
C GLN B 166 -6.04 -3.39 -5.16
N ASN B 167 -6.13 -3.62 -6.46
CA ASN B 167 -7.19 -3.08 -7.31
C ASN B 167 -7.75 -4.31 -8.00
N PRO B 168 -9.09 -4.43 -8.02
CA PRO B 168 -9.71 -5.62 -8.60
C PRO B 168 -9.59 -5.72 -10.10
N LEU B 169 -9.13 -4.66 -10.75
CA LEU B 169 -8.89 -4.68 -12.22
C LEU B 169 -7.47 -5.10 -12.61
N ARG B 170 -6.58 -5.23 -11.62
CA ARG B 170 -5.23 -5.71 -11.88
C ARG B 170 -5.24 -7.02 -12.66
N GLY B 171 -4.43 -7.06 -13.71
CA GLY B 171 -4.39 -8.23 -14.59
C GLY B 171 -4.67 -7.79 -16.02
N PRO B 172 -4.75 -8.74 -16.94
CA PRO B 172 -5.16 -8.43 -18.31
C PRO B 172 -6.57 -7.90 -18.33
N ASN B 173 -6.82 -6.92 -19.19
CA ASN B 173 -8.15 -6.37 -19.32
C ASN B 173 -8.98 -7.18 -20.29
N ASP B 174 -10.25 -7.41 -19.97
CA ASP B 174 -11.17 -8.05 -20.92
C ASP B 174 -12.15 -7.00 -21.44
N GLU B 175 -12.00 -6.70 -22.72
CA GLU B 175 -12.70 -5.62 -23.37
C GLU B 175 -14.20 -5.95 -23.43
N ARG B 176 -14.53 -7.24 -23.41
CA ARG B 176 -15.91 -7.65 -23.24
C ARG B 176 -16.56 -7.02 -21.98
N PHE B 177 -15.78 -6.66 -20.95
CA PHE B 177 -16.32 -5.94 -19.78
C PHE B 177 -16.13 -4.43 -19.88
N GLY B 178 -14.92 -4.00 -20.22
CA GLY B 178 -14.65 -2.57 -20.29
C GLY B 178 -13.23 -2.21 -20.72
N ASP B 179 -12.89 -0.94 -20.54
CA ASP B 179 -11.63 -0.39 -20.96
C ASP B 179 -10.48 -0.76 -20.02
N ARG B 180 -9.29 -0.55 -20.52
CA ARG B 180 -8.10 -0.75 -19.73
C ARG B 180 -8.06 0.21 -18.53
N PHE B 181 -8.31 1.50 -18.77
CA PHE B 181 -8.16 2.55 -17.77
C PHE B 181 -9.48 3.30 -17.50
N PRO B 182 -10.42 2.66 -16.80
CA PRO B 182 -11.74 3.31 -16.65
C PRO B 182 -11.65 4.56 -15.78
N ALA B 183 -12.31 5.61 -16.22
CA ALA B 183 -12.44 6.85 -15.47
C ALA B 183 -13.26 6.60 -14.20
N MET B 184 -12.88 7.22 -13.09
CA MET B 184 -13.63 7.10 -11.85
C MET B 184 -14.13 8.41 -11.26
N SER B 185 -13.93 9.53 -11.93
CA SER B 185 -14.41 10.81 -11.39
C SER B 185 -15.95 10.96 -11.38
N ASP B 186 -16.66 10.18 -12.19
CA ASP B 186 -18.12 10.25 -12.25
C ASP B 186 -18.74 8.96 -11.68
N ALA B 187 -18.05 8.36 -10.72
CA ALA B 187 -18.40 7.01 -10.18
C ALA B 187 -19.79 6.93 -9.55
N TYR B 188 -20.14 7.94 -8.76
CA TYR B 188 -21.41 7.94 -8.03
C TYR B 188 -22.41 8.80 -8.76
N ASP B 189 -23.36 8.14 -9.41
CA ASP B 189 -24.27 8.80 -10.36
C ASP B 189 -24.84 10.11 -9.84
N ARG B 190 -24.67 11.18 -10.60
CA ARG B 190 -25.11 12.52 -10.20
C ARG B 190 -26.61 12.59 -10.04
N THR B 191 -27.33 11.98 -10.97
CA THR B 191 -28.77 12.08 -10.99
C THR B 191 -29.36 11.42 -9.77
N MET B 192 -28.87 10.22 -9.44
CA MET B 192 -29.33 9.48 -8.29
C MET B 192 -29.03 10.21 -7.00
N ARG B 193 -27.93 10.94 -6.95
CA ARG B 193 -27.62 11.71 -5.76
C ARG B 193 -28.64 12.85 -5.61
N GLN B 194 -29.05 13.47 -6.72
CA GLN B 194 -30.06 14.55 -6.65
C GLN B 194 -31.42 14.01 -6.19
N ARG B 195 -31.81 12.86 -6.73
CA ARG B 195 -33.10 12.26 -6.41
C ARG B 195 -33.16 11.68 -4.99
N ALA B 196 -32.02 11.31 -4.42
CA ALA B 196 -31.96 10.82 -3.05
C ALA B 196 -32.05 12.00 -2.10
N LEU B 197 -31.40 13.11 -2.45
CA LEU B 197 -31.43 14.29 -1.61
C LEU B 197 -32.85 14.87 -1.57
N SER B 198 -33.52 14.87 -2.71
CA SER B 198 -34.85 15.44 -2.81
C SER B 198 -35.92 14.51 -2.20
N THR B 199 -35.87 13.21 -2.50
CA THR B 199 -36.76 12.24 -1.86
C THR B 199 -36.66 12.25 -0.32
N TRP B 200 -35.47 12.43 0.22
CA TRP B 200 -35.33 12.49 1.66
C TRP B 200 -35.98 13.75 2.24
N LYS B 201 -35.79 14.86 1.55
CA LYS B 201 -36.33 16.17 1.96
C LYS B 201 -37.85 16.05 2.18
N GLN B 202 -38.53 15.43 1.22
CA GLN B 202 -39.99 15.29 1.27
C GLN B 202 -40.47 14.11 2.13
N MET B 203 -39.54 13.32 2.68
CA MET B 203 -39.86 12.38 3.78
C MET B 203 -39.97 13.13 5.11
N GLY B 204 -39.43 14.34 5.20
CA GLY B 204 -39.46 15.13 6.43
C GLY B 204 -38.90 14.38 7.62
N GLU B 205 -37.60 14.11 7.57
CA GLU B 205 -36.89 13.38 8.62
C GLU B 205 -36.29 14.34 9.65
N GLN B 206 -36.17 13.89 10.89
CA GLN B 206 -35.56 14.71 11.94
C GLN B 206 -34.10 15.03 11.62
N ARG B 207 -33.42 14.07 10.99
CA ARG B 207 -32.02 14.23 10.63
C ARG B 207 -31.79 14.50 9.15
N GLU B 208 -30.82 15.35 8.87
CA GLU B 208 -30.39 15.67 7.52
C GLU B 208 -29.66 14.47 6.90
N LEU B 209 -29.86 14.24 5.60
CA LEU B 209 -29.09 13.22 4.87
C LEU B 209 -27.71 13.81 4.61
N GLN B 210 -26.70 13.18 5.19
CA GLN B 210 -25.35 13.66 5.09
C GLN B 210 -24.74 13.13 3.78
N GLU B 211 -23.74 13.83 3.27
CA GLU B 211 -23.12 13.47 2.00
C GLU B 211 -21.60 13.58 2.13
N GLY B 212 -20.87 12.58 1.64
CA GLY B 212 -19.40 12.68 1.69
C GLY B 212 -18.58 11.61 1.03
N THR B 213 -17.29 11.62 1.37
CA THR B 213 -16.32 10.69 0.83
C THR B 213 -16.14 9.48 1.75
N TYR B 214 -16.24 8.29 1.18
CA TYR B 214 -15.96 7.05 1.91
C TYR B 214 -14.54 6.60 1.58
N VAL B 215 -13.75 6.33 2.61
CA VAL B 215 -12.40 5.79 2.40
C VAL B 215 -12.40 4.32 2.78
N MET B 216 -11.88 3.48 1.89
CA MET B 216 -11.68 2.06 2.20
C MET B 216 -10.30 1.81 2.81
N VAL B 217 -10.28 1.11 3.93
CA VAL B 217 -9.04 0.56 4.46
C VAL B 217 -9.18 -0.97 4.44
N ALA B 218 -8.07 -1.67 4.40
CA ALA B 218 -8.11 -3.13 4.25
C ALA B 218 -8.70 -3.81 5.44
N GLY B 219 -8.40 -3.30 6.64
CA GLY B 219 -8.84 -3.93 7.89
C GLY B 219 -8.01 -5.19 8.21
N PRO B 220 -8.43 -5.94 9.24
CA PRO B 220 -9.62 -5.84 10.06
C PRO B 220 -9.50 -5.00 11.34
N SER B 221 -8.29 -4.62 11.73
CA SER B 221 -8.14 -3.79 12.94
C SER B 221 -8.64 -2.36 12.69
N PHE B 222 -9.20 -1.77 13.73
CA PHE B 222 -9.69 -0.40 13.71
C PHE B 222 -8.54 0.62 13.77
N GLN B 223 -8.87 1.88 13.51
CA GLN B 223 -7.88 2.94 13.37
C GLN B 223 -7.39 3.42 14.70
N THR B 224 -6.12 3.76 14.74
CA THR B 224 -5.57 4.51 15.86
C THR B 224 -5.98 5.97 15.69
N VAL B 225 -5.72 6.76 16.72
CA VAL B 225 -6.01 8.20 16.65
C VAL B 225 -5.20 8.83 15.51
N ALA B 226 -3.95 8.43 15.37
CA ALA B 226 -3.09 8.98 14.33
C ALA B 226 -3.59 8.62 12.92
N GLU B 227 -4.03 7.39 12.72
CA GLU B 227 -4.60 6.95 11.45
C GLU B 227 -5.96 7.62 11.18
N CYS B 228 -6.75 7.83 12.23
CA CYS B 228 -8.01 8.52 12.05
C CYS B 228 -7.77 9.95 11.57
N ARG B 229 -6.70 10.56 12.05
CA ARG B 229 -6.38 11.92 11.67
C ARG B 229 -5.82 12.03 10.28
N VAL B 230 -5.10 11.02 9.78
CA VAL B 230 -4.65 11.08 8.39
C VAL B 230 -5.87 10.95 7.48
N LEU B 231 -6.75 10.03 7.83
CA LEU B 231 -7.97 9.83 7.05
C LEU B 231 -8.79 11.13 6.95
N GLN B 232 -8.92 11.84 8.06
CA GLN B 232 -9.59 13.14 8.04
C GLN B 232 -8.82 14.13 7.14
N LYS B 233 -7.50 14.16 7.28
CA LYS B 233 -6.62 15.06 6.51
C LYS B 233 -6.78 14.84 5.01
N LEU B 234 -6.89 13.56 4.64
CA LEU B 234 -7.14 13.14 3.28
C LEU B 234 -8.51 13.54 2.73
N GLY B 235 -9.40 14.01 3.60
CA GLY B 235 -10.72 14.47 3.19
C GLY B 235 -11.84 13.44 3.22
N ALA B 236 -11.66 12.36 3.98
CA ALA B 236 -12.65 11.30 4.07
C ALA B 236 -13.62 11.64 5.20
N ASP B 237 -14.88 11.27 5.03
CA ASP B 237 -15.95 11.58 5.96
C ASP B 237 -16.39 10.32 6.71
N ALA B 238 -16.16 9.16 6.07
CA ALA B 238 -16.47 7.90 6.70
C ALA B 238 -15.50 6.83 6.20
N VAL B 239 -15.23 5.85 7.07
CA VAL B 239 -14.27 4.79 6.80
C VAL B 239 -14.89 3.39 6.92
N GLY B 240 -14.50 2.48 6.05
CA GLY B 240 -14.91 1.09 6.18
C GLY B 240 -13.98 0.16 5.43
N MET B 241 -14.38 -1.10 5.36
CA MET B 241 -13.52 -2.14 4.79
C MET B 241 -14.11 -2.84 3.57
N SER B 242 -14.97 -2.14 2.83
CA SER B 242 -15.67 -2.79 1.73
C SER B 242 -16.03 -1.79 0.63
N THR B 243 -16.83 -2.25 -0.33
CA THR B 243 -17.67 -1.40 -1.22
C THR B 243 -16.91 -0.91 -2.46
N VAL B 244 -15.76 -0.25 -2.21
CA VAL B 244 -14.95 0.37 -3.25
C VAL B 244 -14.56 -0.59 -4.38
N PRO B 245 -14.17 -1.82 -4.05
CA PRO B 245 -13.82 -2.74 -5.14
C PRO B 245 -14.99 -3.02 -6.04
N GLU B 246 -16.15 -3.18 -5.43
CA GLU B 246 -17.36 -3.50 -6.14
C GLU B 246 -17.73 -2.34 -7.03
N VAL B 247 -17.56 -1.10 -6.55
CA VAL B 247 -17.92 0.10 -7.30
C VAL B 247 -17.06 0.23 -8.53
N ILE B 248 -15.76 0.03 -8.34
CA ILE B 248 -14.78 0.07 -9.45
C ILE B 248 -15.10 -0.99 -10.51
N VAL B 249 -15.44 -2.20 -10.09
CA VAL B 249 -15.73 -3.25 -11.05
C VAL B 249 -17.01 -2.89 -11.76
N ALA B 250 -17.95 -2.29 -11.02
CA ALA B 250 -19.24 -1.93 -11.62
C ALA B 250 -19.08 -0.87 -12.71
N ARG B 251 -18.30 0.17 -12.43
CA ARG B 251 -18.08 1.25 -13.40
C ARG B 251 -17.29 0.76 -14.61
N HIS B 252 -16.35 -0.15 -14.39
CA HIS B 252 -15.64 -0.79 -15.49
C HIS B 252 -16.64 -1.40 -16.47
N CYS B 253 -17.66 -2.04 -15.89
CA CYS B 253 -18.74 -2.72 -16.62
C CYS B 253 -19.76 -1.81 -17.27
N GLY B 254 -19.80 -0.53 -16.87
CA GLY B 254 -20.78 0.43 -17.38
C GLY B 254 -22.03 0.63 -16.50
N LEU B 255 -22.03 0.05 -15.31
CA LEU B 255 -23.17 0.13 -14.41
C LEU B 255 -23.27 1.51 -13.77
N ARG B 256 -24.51 1.97 -13.61
CA ARG B 256 -24.84 3.11 -12.77
C ARG B 256 -24.65 2.69 -11.31
N VAL B 257 -24.09 3.58 -10.50
CA VAL B 257 -23.82 3.23 -9.11
C VAL B 257 -24.30 4.30 -8.14
N PHE B 258 -24.95 3.87 -7.06
CA PHE B 258 -25.07 4.77 -5.93
C PHE B 258 -25.15 3.98 -4.66
N GLY B 259 -24.99 4.69 -3.56
CA GLY B 259 -24.81 4.01 -2.29
C GLY B 259 -24.81 4.88 -1.04
N PHE B 260 -24.85 4.18 0.10
CA PHE B 260 -24.99 4.81 1.39
C PHE B 260 -24.14 4.11 2.42
N SER B 261 -23.60 4.89 3.34
CA SER B 261 -23.00 4.35 4.56
C SER B 261 -23.92 4.61 5.72
N LEU B 262 -24.20 3.57 6.48
CA LEU B 262 -24.78 3.73 7.82
C LEU B 262 -23.64 3.95 8.82
N ILE B 263 -23.70 5.06 9.57
CA ILE B 263 -22.65 5.41 10.50
C ILE B 263 -22.93 4.67 11.81
N THR B 264 -22.07 3.71 12.14
CA THR B 264 -22.30 2.84 13.31
C THR B 264 -21.50 3.27 14.55
N ASP B 265 -20.33 3.84 14.34
CA ASP B 265 -19.57 4.43 15.44
C ASP B 265 -18.92 5.73 14.97
N LYS B 266 -18.54 6.58 15.94
CA LYS B 266 -17.68 7.72 15.65
C LYS B 266 -16.25 7.30 15.97
N VAL B 267 -15.34 7.54 15.01
CA VAL B 267 -13.95 7.14 15.16
C VAL B 267 -13.29 8.08 16.16
N ILE B 268 -12.56 7.52 17.14
CA ILE B 268 -11.91 8.34 18.17
C ILE B 268 -10.81 9.14 17.47
N MET B 269 -10.89 10.48 17.53
CA MET B 269 -9.92 11.36 16.86
C MET B 269 -9.02 12.20 17.79
N ASP B 270 -9.10 11.98 19.10
CA ASP B 270 -8.14 12.58 20.06
C ASP B 270 -7.83 11.62 21.23
N TYR B 271 -6.89 12.00 22.11
CA TYR B 271 -6.37 11.09 23.15
C TYR B 271 -7.05 11.27 24.53
N GLU B 272 -8.33 10.90 24.63
CA GLU B 272 -9.12 11.13 25.86
C GLU B 272 -9.50 9.79 26.52
N ALA B 285 -32.14 1.86 18.60
CA ALA B 285 -30.75 2.29 18.50
C ALA B 285 -30.21 2.00 17.09
N GLY B 286 -29.35 1.00 16.97
CA GLY B 286 -28.74 0.61 15.70
C GLY B 286 -29.65 -0.22 14.81
N LYS B 287 -30.49 -1.06 15.42
CA LYS B 287 -31.44 -1.89 14.66
C LYS B 287 -32.47 -1.01 13.94
N GLN B 288 -32.88 0.06 14.62
CA GLN B 288 -33.85 1.01 14.10
C GLN B 288 -33.29 1.86 12.96
N ALA B 289 -32.02 2.22 13.09
CA ALA B 289 -31.37 3.09 12.11
C ALA B 289 -31.11 2.34 10.82
N ALA B 290 -30.85 1.04 10.92
CA ALA B 290 -30.67 0.19 9.74
C ALA B 290 -31.99 0.10 9.01
N GLN B 291 -33.06 0.00 9.79
CA GLN B 291 -34.39 -0.13 9.26
C GLN B 291 -34.79 1.10 8.45
N LYS B 292 -34.42 2.27 8.96
CA LYS B 292 -34.63 3.51 8.25
C LYS B 292 -33.88 3.53 6.92
N LEU B 293 -32.70 2.92 6.87
CA LEU B 293 -31.93 2.85 5.63
C LEU B 293 -32.64 1.88 4.71
N GLU B 294 -33.00 0.71 5.22
CA GLU B 294 -33.66 -0.30 4.39
C GLU B 294 -34.92 0.26 3.74
N GLN B 295 -35.68 1.04 4.49
CA GLN B 295 -36.90 1.61 3.95
C GLN B 295 -36.60 2.72 2.93
N PHE B 296 -35.52 3.48 3.14
CA PHE B 296 -35.12 4.53 2.19
C PHE B 296 -34.65 3.94 0.87
N VAL B 297 -33.88 2.86 0.92
CA VAL B 297 -33.51 2.14 -0.28
C VAL B 297 -34.78 1.67 -1.08
N SER B 298 -35.81 1.17 -0.40
CA SER B 298 -37.06 0.72 -1.07
C SER B 298 -37.72 1.85 -1.82
N ILE B 299 -37.89 2.98 -1.13
CA ILE B 299 -38.48 4.19 -1.69
C ILE B 299 -37.72 4.67 -2.92
N LEU B 300 -36.39 4.62 -2.88
CA LEU B 300 -35.58 5.14 -3.97
C LEU B 300 -35.61 4.29 -5.24
N MET B 301 -36.15 3.08 -5.17
CA MET B 301 -36.26 2.26 -6.38
C MET B 301 -37.07 3.00 -7.46
N ALA B 302 -38.03 3.81 -7.03
CA ALA B 302 -38.89 4.59 -7.90
C ALA B 302 -38.11 5.67 -8.66
N SER B 303 -36.99 6.12 -8.10
CA SER B 303 -36.19 7.17 -8.73
C SER B 303 -35.16 6.67 -9.73
N ILE B 304 -34.98 5.36 -9.84
CA ILE B 304 -33.98 4.81 -10.75
C ILE B 304 -34.56 4.83 -12.14
N PRO B 305 -33.82 5.31 -13.13
CA PRO B 305 -34.36 5.31 -14.50
C PRO B 305 -34.66 3.90 -14.98
N LEU B 306 -35.51 3.79 -16.00
CA LEU B 306 -35.87 2.49 -16.59
C LEU B 306 -34.79 2.06 -17.58
N PRO B 307 -34.73 0.77 -17.94
CA PRO B 307 -33.63 0.27 -18.78
C PRO B 307 -33.63 0.81 -20.22
N MET C 23 15.98 -19.14 -7.25
CA MET C 23 15.17 -18.33 -6.28
C MET C 23 13.64 -18.48 -6.48
N GLU C 24 12.89 -18.48 -5.37
CA GLU C 24 11.41 -18.32 -5.42
C GLU C 24 11.09 -16.82 -5.38
N ASN C 25 10.16 -16.38 -6.24
CA ASN C 25 9.71 -14.97 -6.31
C ASN C 25 10.86 -14.00 -6.64
N GLY C 26 11.69 -14.38 -7.60
CA GLY C 26 12.78 -13.52 -8.01
C GLY C 26 13.78 -14.17 -8.93
N TYR C 27 14.89 -13.48 -9.10
CA TYR C 27 16.01 -14.00 -9.88
C TYR C 27 17.27 -13.86 -9.02
N THR C 28 18.18 -14.82 -9.18
CA THR C 28 19.51 -14.71 -8.56
C THR C 28 20.45 -13.95 -9.45
N TYR C 29 21.59 -13.55 -8.90
CA TYR C 29 22.68 -12.88 -9.66
C TYR C 29 23.04 -13.69 -10.91
N GLU C 30 23.17 -14.99 -10.73
CA GLU C 30 23.50 -15.89 -11.82
C GLU C 30 22.52 -15.71 -12.99
N ASP C 31 21.24 -15.51 -12.66
CA ASP C 31 20.20 -15.35 -13.69
C ASP C 31 20.41 -14.08 -14.50
N TYR C 32 20.54 -12.95 -13.80
CA TYR C 32 20.73 -11.67 -14.46
C TYR C 32 22.01 -11.70 -15.31
N LYS C 33 23.06 -12.31 -14.76
CA LYS C 33 24.35 -12.41 -15.43
C LYS C 33 24.24 -13.27 -16.67
N ASN C 34 23.63 -14.45 -16.54
CA ASN C 34 23.37 -15.29 -17.71
C ASN C 34 22.69 -14.54 -18.84
N THR C 35 21.78 -13.65 -18.51
CA THR C 35 21.04 -12.89 -19.53
C THR C 35 21.95 -11.85 -20.18
N ALA C 36 22.68 -11.12 -19.35
CA ALA C 36 23.57 -10.07 -19.83
C ALA C 36 24.65 -10.68 -20.70
N GLU C 37 25.26 -11.78 -20.25
CA GLU C 37 26.30 -12.46 -21.05
C GLU C 37 25.76 -12.95 -22.39
N TRP C 38 24.52 -13.41 -22.38
CA TRP C 38 23.89 -13.91 -23.60
C TRP C 38 23.75 -12.76 -24.56
N LEU C 39 23.15 -11.67 -24.09
CA LEU C 39 22.98 -10.47 -24.91
C LEU C 39 24.32 -10.01 -25.47
N LEU C 40 25.33 -10.02 -24.60
CA LEU C 40 26.67 -9.53 -24.91
C LEU C 40 27.41 -10.35 -25.96
N SER C 41 27.07 -11.63 -26.08
CA SER C 41 27.68 -12.49 -27.10
C SER C 41 26.76 -12.67 -28.31
N HIS C 42 25.63 -11.99 -28.33
CA HIS C 42 24.74 -11.98 -29.50
C HIS C 42 24.58 -10.60 -30.12
N THR C 43 25.20 -9.60 -29.52
CA THR C 43 25.25 -8.27 -30.10
C THR C 43 26.69 -7.78 -30.16
N LYS C 44 26.95 -6.88 -31.09
CA LYS C 44 28.26 -6.26 -31.24
C LYS C 44 28.30 -5.00 -30.36
N HIS C 45 27.12 -4.48 -30.06
CA HIS C 45 26.98 -3.22 -29.34
C HIS C 45 27.31 -3.34 -27.85
N ARG C 46 27.95 -2.31 -27.31
CA ARG C 46 28.19 -2.19 -25.87
C ARG C 46 27.58 -0.84 -25.41
N PRO C 47 26.32 -0.86 -24.93
CA PRO C 47 25.60 0.37 -24.65
C PRO C 47 26.04 1.06 -23.37
N GLN C 48 26.03 2.38 -23.39
CA GLN C 48 26.35 3.22 -22.23
C GLN C 48 25.06 3.70 -21.58
N VAL C 49 24.06 3.98 -22.39
CA VAL C 49 22.81 4.61 -21.97
C VAL C 49 21.64 3.71 -22.29
N ALA C 50 20.73 3.53 -21.35
CA ALA C 50 19.46 2.82 -21.61
C ALA C 50 18.31 3.79 -21.54
N ILE C 51 17.34 3.59 -22.44
CA ILE C 51 16.13 4.41 -22.47
C ILE C 51 14.92 3.50 -22.41
N ILE C 52 14.08 3.72 -21.40
CA ILE C 52 12.79 3.04 -21.33
C ILE C 52 11.72 4.02 -21.74
N CYS C 53 11.03 3.70 -22.84
CA CYS C 53 10.06 4.57 -23.45
C CYS C 53 8.67 4.32 -22.90
N GLY C 54 8.02 5.41 -22.50
CA GLY C 54 6.64 5.36 -22.12
C GLY C 54 5.72 5.20 -23.32
N SER C 55 4.46 5.01 -22.95
CA SER C 55 3.33 4.85 -23.83
C SER C 55 3.19 6.00 -24.83
N GLY C 56 3.30 5.68 -26.12
CA GLY C 56 3.24 6.69 -27.20
C GLY C 56 4.54 7.42 -27.48
N LEU C 57 5.63 6.98 -26.88
CA LEU C 57 6.93 7.67 -26.97
C LEU C 57 8.02 6.76 -27.51
N GLY C 58 7.63 5.65 -28.10
CA GLY C 58 8.58 4.64 -28.57
C GLY C 58 9.16 4.89 -29.94
N GLY C 59 8.75 6.00 -30.58
CA GLY C 59 9.23 6.34 -31.92
C GLY C 59 10.73 6.58 -32.06
N LEU C 60 11.43 6.79 -30.93
CA LEU C 60 12.89 6.91 -30.94
C LEU C 60 13.58 5.69 -31.49
N THR C 61 13.02 4.50 -31.26
CA THR C 61 13.69 3.28 -31.68
C THR C 61 13.98 3.24 -33.19
N ASP C 62 13.20 3.98 -33.98
CA ASP C 62 13.37 4.02 -35.44
C ASP C 62 14.44 5.04 -35.87
N LYS C 63 15.01 5.73 -34.91
CA LYS C 63 16.10 6.65 -35.18
C LYS C 63 17.48 6.05 -34.84
N LEU C 64 17.51 4.79 -34.38
CA LEU C 64 18.76 4.16 -34.02
C LEU C 64 19.44 3.65 -35.27
N THR C 65 20.73 3.96 -35.42
CA THR C 65 21.50 3.45 -36.53
C THR C 65 22.24 2.21 -36.08
N GLN C 66 22.61 1.39 -37.06
CA GLN C 66 23.24 0.10 -36.80
C GLN C 66 22.41 -0.70 -35.81
N ALA C 67 21.10 -0.51 -35.88
CA ALA C 67 20.18 -1.15 -34.97
C ALA C 67 20.33 -2.66 -34.95
N GLN C 68 19.99 -3.27 -33.81
CA GLN C 68 19.91 -4.71 -33.68
C GLN C 68 18.79 -5.02 -32.71
N ILE C 69 17.87 -5.90 -33.10
CA ILE C 69 16.59 -6.09 -32.42
C ILE C 69 16.44 -7.49 -31.81
N PHE C 70 16.02 -7.52 -30.55
CA PHE C 70 15.64 -8.77 -29.89
C PHE C 70 14.23 -8.66 -29.35
N ASP C 71 13.39 -9.63 -29.70
CA ASP C 71 12.09 -9.77 -29.05
C ASP C 71 12.35 -10.41 -27.70
N TYR C 72 11.54 -10.05 -26.71
CA TYR C 72 11.76 -10.53 -25.34
C TYR C 72 11.78 -12.04 -25.25
N GLY C 73 10.94 -12.70 -26.04
CA GLY C 73 10.86 -14.16 -26.03
C GLY C 73 12.14 -14.83 -26.48
N GLU C 74 12.99 -14.08 -27.15
CA GLU C 74 14.27 -14.55 -27.66
C GLU C 74 15.31 -14.64 -26.53
N ILE C 75 15.18 -13.77 -25.53
CA ILE C 75 16.22 -13.50 -24.55
C ILE C 75 16.02 -14.35 -23.28
N PRO C 76 17.03 -15.14 -22.86
CA PRO C 76 16.90 -15.99 -21.67
C PRO C 76 16.40 -15.25 -20.43
N ASN C 77 15.46 -15.88 -19.71
CA ASN C 77 14.91 -15.35 -18.46
C ASN C 77 14.04 -14.11 -18.63
N PHE C 78 14.07 -13.48 -19.80
CA PHE C 78 13.33 -12.24 -19.97
C PHE C 78 11.85 -12.56 -19.82
N PRO C 79 11.10 -11.72 -19.08
CA PRO C 79 9.67 -11.99 -19.03
C PRO C 79 9.04 -11.76 -20.39
N ARG C 80 8.09 -12.60 -20.76
CA ARG C 80 7.36 -12.41 -22.01
C ARG C 80 6.16 -11.49 -21.77
N SER C 81 6.04 -10.47 -22.63
CA SER C 81 4.93 -9.50 -22.60
C SER C 81 3.60 -10.19 -22.90
N THR C 82 2.55 -9.83 -22.16
CA THR C 82 1.22 -10.42 -22.37
C THR C 82 0.11 -9.39 -22.17
N ALA C 87 3.19 -7.62 -28.24
CA ALA C 87 4.16 -6.54 -28.39
C ALA C 87 5.38 -6.71 -27.46
N GLY C 88 6.42 -5.89 -27.65
CA GLY C 88 7.55 -5.79 -26.70
C GLY C 88 8.91 -6.26 -27.20
N ARG C 89 9.87 -5.32 -27.36
CA ARG C 89 11.22 -5.63 -27.87
C ARG C 89 12.34 -4.77 -27.27
N LEU C 90 13.58 -5.22 -27.48
CA LEU C 90 14.79 -4.53 -27.05
C LEU C 90 15.58 -4.17 -28.31
N VAL C 91 16.00 -2.92 -28.44
CA VAL C 91 16.71 -2.45 -29.61
C VAL C 91 18.00 -1.78 -29.23
N PHE C 92 19.12 -2.29 -29.78
CA PHE C 92 20.44 -1.72 -29.54
C PHE C 92 20.86 -0.91 -30.76
N GLY C 93 21.47 0.24 -30.53
CA GLY C 93 22.03 1.03 -31.60
C GLY C 93 22.55 2.37 -31.14
N PHE C 94 22.84 3.23 -32.10
CA PHE C 94 23.36 4.55 -31.81
C PHE C 94 22.27 5.56 -31.95
N LEU C 95 22.23 6.50 -31.00
CA LEU C 95 21.32 7.63 -31.04
C LEU C 95 22.09 8.93 -30.79
N ASN C 96 22.06 9.83 -31.77
CA ASN C 96 22.77 11.11 -31.66
C ASN C 96 24.17 10.93 -31.05
N GLY C 97 24.90 9.93 -31.58
CA GLY C 97 26.30 9.72 -31.26
C GLY C 97 26.57 8.89 -30.02
N ARG C 98 25.53 8.39 -29.36
CA ARG C 98 25.70 7.58 -28.16
C ARG C 98 25.21 6.16 -28.34
N ALA C 99 25.96 5.20 -27.78
CA ALA C 99 25.57 3.79 -27.84
C ALA C 99 24.44 3.54 -26.82
N CYS C 100 23.27 3.10 -27.31
CA CYS C 100 22.06 2.90 -26.51
C CYS C 100 21.50 1.49 -26.59
N VAL C 101 20.71 1.15 -25.59
CA VAL C 101 19.80 0.02 -25.69
C VAL C 101 18.45 0.63 -25.36
N MET C 102 17.44 0.27 -26.13
CA MET C 102 16.15 0.92 -26.02
C MET C 102 15.11 -0.14 -25.79
N MET C 103 14.21 0.14 -24.85
CA MET C 103 13.17 -0.79 -24.48
C MET C 103 11.86 -0.20 -24.93
N GLN C 104 11.17 -0.93 -25.81
CA GLN C 104 9.89 -0.50 -26.30
C GLN C 104 8.86 -1.49 -25.80
N GLY C 105 7.86 -0.98 -25.09
CA GLY C 105 6.79 -1.81 -24.50
C GLY C 105 7.18 -2.33 -23.12
N ARG C 106 7.29 -1.41 -22.16
CA ARG C 106 7.65 -1.77 -20.80
C ARG C 106 6.55 -2.58 -20.10
N PHE C 107 6.91 -3.21 -18.97
CA PHE C 107 5.95 -3.98 -18.18
C PHE C 107 5.42 -3.10 -17.04
N HIS C 108 4.16 -3.35 -16.69
CA HIS C 108 3.46 -2.56 -15.69
C HIS C 108 2.89 -3.45 -14.62
N MET C 109 2.90 -2.94 -13.41
CA MET C 109 2.33 -3.65 -12.28
C MET C 109 0.83 -3.96 -12.51
N TYR C 110 0.11 -3.01 -13.10
CA TYR C 110 -1.32 -3.20 -13.34
C TYR C 110 -1.68 -4.34 -14.32
N GLU C 111 -0.72 -4.78 -15.13
CA GLU C 111 -0.91 -5.90 -16.03
C GLU C 111 -0.77 -7.22 -15.29
N GLY C 112 -0.37 -7.15 -14.02
CA GLY C 112 -0.27 -8.30 -13.15
C GLY C 112 1.15 -8.79 -12.89
N TYR C 113 2.15 -8.09 -13.44
CA TYR C 113 3.54 -8.42 -13.24
C TYR C 113 4.02 -8.07 -11.83
N PRO C 114 4.74 -8.98 -11.18
CA PRO C 114 5.43 -8.57 -9.95
C PRO C 114 6.55 -7.60 -10.26
N LEU C 115 6.89 -6.73 -9.32
CA LEU C 115 7.89 -5.68 -9.58
C LEU C 115 9.28 -6.25 -9.87
N TRP C 116 9.55 -7.45 -9.40
CA TRP C 116 10.85 -8.05 -9.70
C TRP C 116 10.92 -8.49 -11.17
N LYS C 117 9.77 -8.58 -11.84
CA LYS C 117 9.75 -8.77 -13.29
C LYS C 117 9.82 -7.44 -14.03
N VAL C 118 9.07 -6.47 -13.53
CA VAL C 118 9.00 -5.13 -14.11
C VAL C 118 10.40 -4.54 -14.22
N THR C 119 11.20 -4.72 -13.17
CA THR C 119 12.54 -4.12 -13.06
C THR C 119 13.67 -5.04 -13.50
N PHE C 120 13.35 -6.25 -13.93
CA PHE C 120 14.38 -7.19 -14.36
C PHE C 120 15.35 -6.64 -15.44
N PRO C 121 14.85 -5.91 -16.43
CA PRO C 121 15.74 -5.38 -17.44
C PRO C 121 16.77 -4.38 -16.93
N VAL C 122 16.44 -3.61 -15.91
CA VAL C 122 17.35 -2.59 -15.36
C VAL C 122 18.61 -3.23 -14.78
N ARG C 123 18.41 -4.32 -14.07
CA ARG C 123 19.53 -5.07 -13.56
C ARG C 123 20.38 -5.63 -14.72
N VAL C 124 19.73 -6.20 -15.72
CA VAL C 124 20.45 -6.65 -16.92
C VAL C 124 21.24 -5.51 -17.57
N PHE C 125 20.60 -4.37 -17.79
CA PHE C 125 21.29 -3.19 -18.33
C PHE C 125 22.57 -2.86 -17.57
N HIS C 126 22.49 -2.86 -16.25
CA HIS C 126 23.68 -2.60 -15.42
C HIS C 126 24.79 -3.59 -15.73
N LEU C 127 24.47 -4.88 -15.77
CA LEU C 127 25.46 -5.91 -16.08
C LEU C 127 25.89 -5.88 -17.56
N LEU C 128 25.20 -5.11 -18.38
CA LEU C 128 25.63 -4.85 -19.76
C LEU C 128 26.67 -3.74 -19.80
N GLY C 129 26.74 -2.90 -18.76
CA GLY C 129 27.74 -1.83 -18.71
C GLY C 129 27.16 -0.44 -18.89
N VAL C 130 25.83 -0.36 -18.94
CA VAL C 130 25.10 0.91 -19.01
C VAL C 130 25.37 1.69 -17.73
N ASP C 131 25.54 3.00 -17.81
CA ASP C 131 25.74 3.82 -16.60
C ASP C 131 24.69 4.92 -16.42
N THR C 132 23.78 5.03 -17.38
CA THR C 132 22.77 6.07 -17.38
C THR C 132 21.46 5.47 -17.87
N LEU C 133 20.39 5.73 -17.13
CA LEU C 133 19.05 5.34 -17.51
C LEU C 133 18.19 6.56 -17.71
N VAL C 134 17.57 6.64 -18.89
CA VAL C 134 16.58 7.66 -19.18
C VAL C 134 15.19 7.04 -19.18
N VAL C 135 14.31 7.59 -18.36
CA VAL C 135 12.93 7.12 -18.28
C VAL C 135 11.98 8.20 -18.77
N THR C 136 11.06 7.80 -19.63
CA THR C 136 9.95 8.68 -20.04
C THR C 136 8.64 8.01 -19.68
N ASN C 137 7.62 8.82 -19.46
CA ASN C 137 6.28 8.30 -19.21
C ASN C 137 5.20 9.31 -19.57
N ALA C 138 3.97 8.83 -19.60
CA ALA C 138 2.81 9.66 -19.91
C ALA C 138 2.07 9.77 -18.61
N ALA C 139 1.77 10.99 -18.18
CA ALA C 139 1.20 11.20 -16.84
C ALA C 139 -0.02 12.11 -16.84
N GLY C 140 -0.82 12.05 -15.78
CA GLY C 140 -1.94 12.97 -15.62
C GLY C 140 -1.41 14.14 -14.81
N GLY C 141 -1.82 15.36 -15.15
CA GLY C 141 -1.36 16.55 -14.45
C GLY C 141 -2.17 16.86 -13.22
N LEU C 142 -1.48 17.09 -12.10
CA LEU C 142 -2.11 17.42 -10.81
C LEU C 142 -1.78 18.86 -10.44
N ASN C 143 -0.59 19.32 -10.79
CA ASN C 143 -0.26 20.72 -10.64
C ASN C 143 -1.17 21.51 -11.56
N PRO C 144 -1.96 22.44 -11.01
CA PRO C 144 -2.92 23.21 -11.81
C PRO C 144 -2.32 24.02 -12.95
N LYS C 145 -1.05 24.41 -12.81
CA LYS C 145 -0.35 25.19 -13.82
C LYS C 145 -0.06 24.40 -15.10
N PHE C 146 -0.02 23.07 -15.00
CA PHE C 146 0.40 22.21 -16.11
C PHE C 146 -0.66 22.14 -17.18
N GLU C 147 -0.25 22.31 -18.44
CA GLU C 147 -1.13 22.10 -19.59
C GLU C 147 -0.89 20.76 -20.28
N VAL C 148 -1.94 20.20 -20.86
CA VAL C 148 -1.86 19.02 -21.73
C VAL C 148 -0.75 19.30 -22.75
N GLY C 149 0.17 18.36 -22.90
CA GLY C 149 1.28 18.53 -23.84
C GLY C 149 2.56 19.03 -23.19
N ASP C 150 2.48 19.57 -21.97
CA ASP C 150 3.66 19.97 -21.22
C ASP C 150 4.59 18.78 -20.99
N ILE C 151 5.88 19.09 -20.89
CA ILE C 151 6.89 18.14 -20.49
C ILE C 151 7.37 18.51 -19.08
N MET C 152 7.33 17.53 -18.19
CA MET C 152 7.81 17.70 -16.83
C MET C 152 9.13 16.94 -16.62
N LEU C 153 10.18 17.68 -16.34
CA LEU C 153 11.42 17.10 -15.85
C LEU C 153 11.15 16.61 -14.41
N ILE C 154 11.34 15.31 -14.21
CA ILE C 154 11.12 14.69 -12.93
C ILE C 154 12.24 15.08 -11.96
N ARG C 155 11.86 15.76 -10.89
CA ARG C 155 12.80 16.19 -9.85
C ARG C 155 12.78 15.23 -8.66
N ASP C 156 11.66 14.56 -8.43
CA ASP C 156 11.53 13.64 -7.31
C ASP C 156 10.35 12.72 -7.55
N HIS C 157 10.17 11.72 -6.68
CA HIS C 157 8.97 10.90 -6.75
C HIS C 157 8.38 10.54 -5.38
N ILE C 158 7.11 10.12 -5.40
CA ILE C 158 6.43 9.55 -4.26
C ILE C 158 5.95 8.17 -4.68
N ASN C 159 6.50 7.14 -4.04
CA ASN C 159 6.27 5.74 -4.38
C ASN C 159 5.20 5.15 -3.48
N LEU C 160 3.95 5.40 -3.83
CA LEU C 160 2.82 5.00 -3.01
C LEU C 160 2.79 3.48 -2.76
N PRO C 161 2.97 2.68 -3.82
CA PRO C 161 3.00 1.25 -3.58
C PRO C 161 4.17 0.83 -2.69
N GLY C 162 5.26 1.59 -2.75
CA GLY C 162 6.43 1.30 -1.93
C GLY C 162 6.12 1.39 -0.44
N PHE C 163 5.27 2.34 -0.08
CA PHE C 163 4.96 2.53 1.31
C PHE C 163 4.43 1.25 1.96
N SER C 164 3.67 0.48 1.21
CA SER C 164 2.88 -0.62 1.76
C SER C 164 3.37 -2.03 1.44
N GLY C 165 4.49 -2.18 0.77
CA GLY C 165 5.04 -3.53 0.55
C GLY C 165 5.58 -3.79 -0.84
N GLN C 166 4.97 -3.13 -1.82
CA GLN C 166 5.34 -3.26 -3.20
C GLN C 166 6.54 -2.38 -3.51
N ASN C 167 7.72 -2.92 -3.20
CA ASN C 167 9.00 -2.27 -3.50
C ASN C 167 9.83 -3.33 -4.21
N PRO C 168 10.48 -2.99 -5.34
CA PRO C 168 11.19 -4.01 -6.15
C PRO C 168 12.43 -4.58 -5.49
N LEU C 169 12.91 -3.89 -4.47
CA LEU C 169 14.02 -4.36 -3.65
C LEU C 169 13.60 -5.31 -2.54
N ARG C 170 12.29 -5.56 -2.37
CA ARG C 170 11.83 -6.44 -1.31
C ARG C 170 12.46 -7.82 -1.45
N GLY C 171 12.95 -8.38 -0.35
CA GLY C 171 13.56 -9.70 -0.39
C GLY C 171 15.07 -9.67 -0.23
N PRO C 172 15.71 -10.82 -0.44
CA PRO C 172 17.19 -10.93 -0.32
C PRO C 172 17.95 -9.88 -1.14
N ASN C 173 19.04 -9.33 -0.59
CA ASN C 173 19.82 -8.27 -1.25
C ASN C 173 21.19 -8.76 -1.68
N ASP C 174 21.61 -8.50 -2.91
CA ASP C 174 22.97 -8.86 -3.32
C ASP C 174 23.80 -7.60 -3.44
N GLU C 175 24.94 -7.59 -2.77
CA GLU C 175 25.71 -6.36 -2.68
C GLU C 175 26.49 -6.08 -3.96
N ARG C 176 26.57 -7.06 -4.85
CA ARG C 176 27.09 -6.81 -6.19
C ARG C 176 26.22 -5.82 -6.94
N PHE C 177 24.94 -5.70 -6.57
CA PHE C 177 24.10 -4.63 -7.11
C PHE C 177 24.14 -3.39 -6.25
N GLY C 178 23.93 -3.53 -4.94
CA GLY C 178 23.83 -2.35 -4.12
C GLY C 178 23.54 -2.61 -2.67
N ASP C 179 23.26 -1.52 -1.96
CA ASP C 179 23.02 -1.50 -0.53
C ASP C 179 21.72 -2.22 -0.11
N ARG C 180 21.67 -2.58 1.17
CA ARG C 180 20.45 -3.07 1.76
C ARG C 180 19.40 -1.98 1.80
N PHE C 181 19.78 -0.78 2.26
CA PHE C 181 18.85 0.33 2.48
C PHE C 181 19.31 1.54 1.65
N PRO C 182 19.08 1.51 0.34
CA PRO C 182 19.67 2.55 -0.49
C PRO C 182 18.98 3.90 -0.34
N ALA C 183 19.76 4.98 -0.45
CA ALA C 183 19.26 6.33 -0.36
C ALA C 183 18.60 6.72 -1.69
N MET C 184 17.45 7.39 -1.61
CA MET C 184 16.74 7.87 -2.78
C MET C 184 16.55 9.39 -2.84
N SER C 185 17.01 10.10 -1.81
CA SER C 185 17.15 11.58 -1.80
C SER C 185 17.64 12.20 -3.12
N ASP C 186 18.61 11.55 -3.75
CA ASP C 186 19.27 12.12 -4.92
C ASP C 186 18.95 11.34 -6.18
N ALA C 187 17.74 10.78 -6.28
CA ALA C 187 17.43 9.83 -7.35
C ALA C 187 17.59 10.46 -8.75
N TYR C 188 17.18 11.71 -8.89
CA TYR C 188 17.12 12.34 -10.20
C TYR C 188 18.30 13.27 -10.38
N ASP C 189 19.24 12.79 -11.18
CA ASP C 189 20.56 13.39 -11.30
C ASP C 189 20.55 14.91 -11.51
N ARG C 190 21.27 15.61 -10.65
CA ARG C 190 21.25 17.08 -10.58
C ARG C 190 21.90 17.71 -11.82
N THR C 191 22.94 17.08 -12.32
CA THR C 191 23.69 17.62 -13.45
C THR C 191 22.84 17.60 -14.72
N MET C 192 22.20 16.47 -15.00
CA MET C 192 21.33 16.33 -16.15
C MET C 192 20.14 17.26 -16.03
N ARG C 193 19.65 17.42 -14.83
CA ARG C 193 18.55 18.32 -14.62
C ARG C 193 18.92 19.72 -15.11
N GLN C 194 20.09 20.20 -14.74
CA GLN C 194 20.54 21.54 -15.14
C GLN C 194 20.77 21.64 -16.66
N ARG C 195 21.36 20.62 -17.25
CA ARG C 195 21.59 20.56 -18.67
C ARG C 195 20.31 20.43 -19.50
N ALA C 196 19.30 19.74 -18.98
CA ALA C 196 18.02 19.69 -19.66
C ALA C 196 17.44 21.08 -19.67
N LEU C 197 17.45 21.73 -18.51
CA LEU C 197 16.94 23.10 -18.40
C LEU C 197 17.68 23.99 -19.41
N SER C 198 18.99 23.77 -19.51
CA SER C 198 19.87 24.59 -20.32
C SER C 198 19.67 24.34 -21.81
N THR C 199 19.45 23.09 -22.19
CA THR C 199 19.17 22.74 -23.57
C THR C 199 17.79 23.27 -24.01
N TRP C 200 16.85 23.32 -23.08
CA TRP C 200 15.53 23.82 -23.38
C TRP C 200 15.56 25.32 -23.66
N LYS C 201 16.37 26.04 -22.92
CA LYS C 201 16.50 27.47 -23.12
C LYS C 201 17.04 27.77 -24.51
N GLN C 202 18.02 27.00 -24.96
CA GLN C 202 18.59 27.24 -26.30
C GLN C 202 17.72 26.69 -27.45
N MET C 203 16.88 25.70 -27.17
CA MET C 203 15.85 25.23 -28.12
C MET C 203 14.83 26.28 -28.54
N GLY C 204 14.69 27.33 -27.74
CA GLY C 204 13.74 28.40 -28.02
C GLY C 204 12.27 28.04 -27.77
N GLU C 205 12.00 26.91 -27.13
CA GLU C 205 10.62 26.46 -26.94
C GLU C 205 9.75 27.52 -26.27
N GLN C 206 8.48 27.60 -26.66
CA GLN C 206 7.57 28.63 -26.16
C GLN C 206 7.04 28.29 -24.77
N ARG C 207 6.67 27.02 -24.55
CA ARG C 207 6.30 26.56 -23.21
C ARG C 207 7.55 26.36 -22.37
N GLU C 208 7.43 26.72 -21.12
CA GLU C 208 8.48 26.52 -20.13
C GLU C 208 8.61 25.00 -19.90
N LEU C 209 9.82 24.54 -19.57
CA LEU C 209 10.01 23.15 -19.21
C LEU C 209 9.66 23.00 -17.74
N GLN C 210 8.62 22.23 -17.45
CA GLN C 210 8.10 22.10 -16.11
C GLN C 210 8.98 21.17 -15.29
N GLU C 211 8.90 21.29 -13.98
CA GLU C 211 9.71 20.49 -13.07
C GLU C 211 8.89 20.14 -11.82
N GLY C 212 8.84 18.87 -11.44
CA GLY C 212 8.10 18.52 -10.25
C GLY C 212 8.18 17.08 -9.82
N THR C 213 7.28 16.70 -8.92
CA THR C 213 7.26 15.36 -8.36
C THR C 213 6.27 14.47 -9.08
N TYR C 214 6.74 13.29 -9.47
CA TYR C 214 5.88 12.25 -10.03
C TYR C 214 5.44 11.33 -8.91
N VAL C 215 4.14 11.08 -8.79
CA VAL C 215 3.65 10.07 -7.86
C VAL C 215 3.23 8.83 -8.66
N MET C 216 3.67 7.66 -8.23
CA MET C 216 3.23 6.40 -8.81
C MET C 216 2.02 5.85 -8.06
N VAL C 217 0.96 5.52 -8.80
CA VAL C 217 -0.13 4.71 -8.27
C VAL C 217 -0.16 3.41 -9.04
N ALA C 218 -0.62 2.33 -8.42
CA ALA C 218 -0.56 1.03 -9.10
C ALA C 218 -1.50 0.96 -10.33
N GLY C 219 -2.64 1.64 -10.27
CA GLY C 219 -3.65 1.56 -11.33
C GLY C 219 -4.34 0.20 -11.41
N PRO C 220 -5.07 -0.06 -12.51
CA PRO C 220 -5.24 0.66 -13.76
C PRO C 220 -6.39 1.68 -13.83
N SER C 221 -7.28 1.75 -12.84
CA SER C 221 -8.35 2.73 -12.90
C SER C 221 -7.81 4.11 -12.64
N PHE C 222 -8.39 5.12 -13.28
CA PHE C 222 -7.98 6.51 -13.07
C PHE C 222 -8.57 7.06 -11.77
N GLN C 223 -8.10 8.24 -11.37
CA GLN C 223 -8.36 8.77 -10.05
C GLN C 223 -9.75 9.36 -9.88
N THR C 224 -10.36 9.17 -8.72
CA THR C 224 -11.55 9.93 -8.37
C THR C 224 -11.15 11.38 -8.07
N VAL C 225 -12.12 12.27 -7.94
CA VAL C 225 -11.84 13.65 -7.56
C VAL C 225 -11.17 13.63 -6.18
N ALA C 226 -11.71 12.82 -5.26
CA ALA C 226 -11.19 12.73 -3.90
C ALA C 226 -9.76 12.23 -3.90
N GLU C 227 -9.48 11.19 -4.68
CA GLU C 227 -8.12 10.69 -4.82
C GLU C 227 -7.19 11.74 -5.43
N CYS C 228 -7.66 12.45 -6.45
CA CYS C 228 -6.82 13.51 -7.03
C CYS C 228 -6.45 14.55 -5.97
N ARG C 229 -7.42 14.92 -5.15
CA ARG C 229 -7.16 15.90 -4.13
C ARG C 229 -6.17 15.46 -3.07
N VAL C 230 -6.11 14.16 -2.70
CA VAL C 230 -5.07 13.73 -1.76
C VAL C 230 -3.71 13.74 -2.41
N LEU C 231 -3.63 13.30 -3.66
CA LEU C 231 -2.39 13.36 -4.44
C LEU C 231 -1.84 14.81 -4.51
N GLN C 232 -2.72 15.78 -4.75
CA GLN C 232 -2.36 17.18 -4.66
C GLN C 232 -1.88 17.60 -3.26
N LYS C 233 -2.58 17.19 -2.20
CA LYS C 233 -2.20 17.62 -0.84
C LYS C 233 -0.88 17.01 -0.42
N LEU C 234 -0.61 15.83 -0.95
CA LEU C 234 0.64 15.12 -0.76
C LEU C 234 1.82 15.78 -1.50
N GLY C 235 1.54 16.76 -2.35
CA GLY C 235 2.58 17.55 -3.01
C GLY C 235 3.04 17.02 -4.37
N ALA C 236 2.31 16.07 -4.94
CA ALA C 236 2.64 15.52 -6.25
C ALA C 236 2.14 16.45 -7.37
N ASP C 237 2.95 16.63 -8.40
CA ASP C 237 2.63 17.49 -9.56
C ASP C 237 2.07 16.73 -10.75
N ALA C 238 2.35 15.44 -10.81
CA ALA C 238 1.86 14.59 -11.89
C ALA C 238 1.80 13.15 -11.40
N VAL C 239 0.90 12.38 -11.99
CA VAL C 239 0.63 11.02 -11.55
C VAL C 239 0.64 10.03 -12.72
N GLY C 240 1.14 8.82 -12.49
CA GLY C 240 1.15 7.80 -13.51
C GLY C 240 1.34 6.46 -12.83
N MET C 241 1.51 5.42 -13.65
CA MET C 241 1.45 4.03 -13.18
C MET C 241 2.72 3.22 -13.44
N SER C 242 3.85 3.91 -13.56
CA SER C 242 5.10 3.28 -13.96
C SER C 242 6.31 3.99 -13.36
N THR C 243 7.51 3.53 -13.74
CA THR C 243 8.74 4.36 -13.75
C THR C 243 9.48 4.33 -12.43
N VAL C 244 8.75 4.56 -11.33
CA VAL C 244 9.36 4.66 -10.02
C VAL C 244 10.14 3.40 -9.67
N PRO C 245 9.57 2.23 -9.94
CA PRO C 245 10.27 0.96 -9.68
C PRO C 245 11.61 0.82 -10.41
N GLU C 246 11.60 1.13 -11.70
CA GLU C 246 12.80 1.14 -12.49
C GLU C 246 13.81 2.10 -11.93
N VAL C 247 13.36 3.27 -11.48
CA VAL C 247 14.29 4.27 -10.94
C VAL C 247 14.95 3.76 -9.67
N ILE C 248 14.17 3.16 -8.76
CA ILE C 248 14.71 2.63 -7.51
C ILE C 248 15.79 1.58 -7.78
N VAL C 249 15.47 0.62 -8.65
CA VAL C 249 16.44 -0.43 -8.98
C VAL C 249 17.69 0.13 -9.66
N ALA C 250 17.49 1.14 -10.50
CA ALA C 250 18.60 1.85 -11.17
C ALA C 250 19.52 2.52 -10.17
N ARG C 251 18.94 3.26 -9.22
CA ARG C 251 19.73 3.92 -8.16
C ARG C 251 20.43 2.94 -7.24
N HIS C 252 19.75 1.85 -6.93
CA HIS C 252 20.32 0.81 -6.09
C HIS C 252 21.58 0.30 -6.77
N CYS C 253 21.55 0.26 -8.10
CA CYS C 253 22.68 -0.14 -8.96
C CYS C 253 23.76 0.92 -9.20
N GLY C 254 23.54 2.15 -8.77
CA GLY C 254 24.46 3.24 -9.06
C GLY C 254 24.34 3.84 -10.46
N LEU C 255 23.31 3.46 -11.21
CA LEU C 255 22.97 4.15 -12.47
C LEU C 255 22.60 5.60 -12.23
N ARG C 256 23.08 6.47 -13.10
CA ARG C 256 22.62 7.85 -13.17
C ARG C 256 21.24 7.84 -13.85
N VAL C 257 20.30 8.61 -13.29
CA VAL C 257 18.93 8.65 -13.74
C VAL C 257 18.41 10.05 -14.03
N PHE C 258 17.79 10.22 -15.20
CA PHE C 258 16.91 11.36 -15.41
C PHE C 258 15.71 10.98 -16.29
N GLY C 259 14.64 11.74 -16.18
CA GLY C 259 13.40 11.32 -16.80
C GLY C 259 12.39 12.39 -16.99
N PHE C 260 11.36 12.07 -17.75
CA PHE C 260 10.37 13.05 -18.15
C PHE C 260 9.01 12.46 -18.18
N SER C 261 8.03 13.28 -17.81
CA SER C 261 6.63 12.93 -17.93
C SER C 261 6.06 13.85 -19.00
N LEU C 262 5.42 13.27 -19.99
CA LEU C 262 4.52 14.03 -20.87
C LEU C 262 3.14 14.08 -20.22
N ILE C 263 2.60 15.28 -20.02
CA ILE C 263 1.26 15.46 -19.45
C ILE C 263 0.20 15.22 -20.53
N THR C 264 -0.46 14.07 -20.46
CA THR C 264 -1.44 13.71 -21.48
C THR C 264 -2.84 14.17 -21.13
N ASP C 265 -3.13 14.42 -19.86
CA ASP C 265 -4.45 14.93 -19.45
C ASP C 265 -4.37 15.67 -18.12
N LYS C 266 -5.30 16.60 -17.89
CA LYS C 266 -5.45 17.23 -16.57
C LYS C 266 -6.42 16.40 -15.73
N VAL C 267 -5.95 16.00 -14.55
CA VAL C 267 -6.73 15.16 -13.67
C VAL C 267 -7.87 16.02 -13.13
N ILE C 268 -9.10 15.49 -13.19
CA ILE C 268 -10.29 16.21 -12.75
C ILE C 268 -10.19 16.41 -11.25
N MET C 269 -10.09 17.67 -10.81
CA MET C 269 -9.90 17.98 -9.39
C MET C 269 -11.10 18.57 -8.66
N ASP C 270 -12.24 18.69 -9.33
CA ASP C 270 -13.46 19.22 -8.71
C ASP C 270 -14.70 18.60 -9.32
N TYR C 271 -15.84 18.80 -8.66
CA TYR C 271 -17.10 18.18 -9.08
C TYR C 271 -17.86 18.92 -10.20
N GLU C 272 -17.35 20.09 -10.65
CA GLU C 272 -17.92 20.84 -11.81
C GLU C 272 -18.34 19.98 -13.02
N SER C 273 -17.51 19.00 -13.37
CA SER C 273 -17.80 18.07 -14.47
C SER C 273 -19.15 18.29 -15.16
N VAL C 282 -7.32 16.43 -30.65
CA VAL C 282 -6.76 16.11 -29.32
C VAL C 282 -5.80 14.88 -29.37
N LEU C 283 -6.16 13.87 -30.17
CA LEU C 283 -5.30 12.70 -30.42
C LEU C 283 -4.09 13.03 -31.33
N ALA C 284 -4.21 14.09 -32.13
CA ALA C 284 -3.15 14.57 -33.03
C ALA C 284 -2.25 15.62 -32.36
N ALA C 285 -2.81 16.36 -31.41
CA ALA C 285 -2.05 17.36 -30.68
C ALA C 285 -1.08 16.63 -29.74
N GLY C 286 -1.54 15.48 -29.23
CA GLY C 286 -0.76 14.58 -28.38
C GLY C 286 0.32 13.79 -29.12
N LYS C 287 0.12 13.57 -30.42
CA LYS C 287 1.18 12.98 -31.25
C LYS C 287 2.32 13.98 -31.49
N GLN C 288 1.98 15.24 -31.71
CA GLN C 288 2.98 16.31 -31.80
C GLN C 288 3.71 16.53 -30.49
N ALA C 289 2.99 16.46 -29.37
CA ALA C 289 3.60 16.70 -28.05
C ALA C 289 4.54 15.56 -27.70
N ALA C 290 4.17 14.34 -28.09
CA ALA C 290 5.00 13.16 -27.86
C ALA C 290 6.29 13.26 -28.65
N GLN C 291 6.13 13.59 -29.94
CA GLN C 291 7.26 13.83 -30.86
C GLN C 291 8.28 14.79 -30.28
N LYS C 292 7.79 15.90 -29.75
CA LYS C 292 8.63 16.89 -29.09
C LYS C 292 9.47 16.28 -27.94
N LEU C 293 8.89 15.33 -27.20
CA LEU C 293 9.60 14.72 -26.12
C LEU C 293 10.69 13.82 -26.69
N GLU C 294 10.31 13.02 -27.69
CA GLU C 294 11.25 12.15 -28.38
C GLU C 294 12.43 12.95 -28.94
N GLN C 295 12.16 14.11 -29.50
CA GLN C 295 13.26 14.90 -30.03
C GLN C 295 14.12 15.51 -28.90
N PHE C 296 13.52 15.81 -27.76
CA PHE C 296 14.27 16.39 -26.65
C PHE C 296 15.24 15.35 -26.03
N VAL C 297 14.76 14.12 -25.83
CA VAL C 297 15.62 13.03 -25.40
C VAL C 297 16.77 12.80 -26.37
N SER C 298 16.51 12.94 -27.67
CA SER C 298 17.55 12.66 -28.68
C SER C 298 18.59 13.76 -28.63
N ILE C 299 18.16 14.99 -28.41
CA ILE C 299 19.07 16.11 -28.30
C ILE C 299 19.98 15.94 -27.08
N LEU C 300 19.41 15.48 -25.97
CA LEU C 300 20.13 15.40 -24.71
C LEU C 300 21.16 14.26 -24.64
N MET C 301 21.07 13.29 -25.55
CA MET C 301 22.11 12.29 -25.69
C MET C 301 23.50 12.96 -25.68
N ALA C 302 23.60 14.12 -26.34
CA ALA C 302 24.85 14.87 -26.43
C ALA C 302 25.30 15.46 -25.08
N SER C 303 24.40 15.60 -24.12
CA SER C 303 24.73 16.27 -22.86
C SER C 303 25.00 15.30 -21.70
N ILE C 304 24.84 14.01 -21.94
CA ILE C 304 25.16 13.00 -20.93
C ILE C 304 26.68 12.88 -20.81
N PRO C 305 27.21 12.83 -19.57
CA PRO C 305 28.63 12.61 -19.36
C PRO C 305 29.12 11.33 -20.02
N LEU C 306 30.43 11.31 -20.32
CA LEU C 306 31.03 10.26 -21.11
C LEU C 306 32.31 9.73 -20.44
N PRO C 307 32.31 8.44 -20.03
CA PRO C 307 33.58 7.80 -19.60
C PRO C 307 34.35 7.23 -20.78
#